data_1AU6
# 
_entry.id   1AU6 
# 
_audit_conform.dict_name       mmcif_pdbx.dic 
_audit_conform.dict_version    5.392 
_audit_conform.dict_location   http://mmcif.pdb.org/dictionaries/ascii/mmcif_pdbx.dic 
# 
loop_
_database_2.database_id 
_database_2.database_code 
_database_2.pdbx_database_accession 
_database_2.pdbx_DOI 
PDB   1AU6         pdb_00001au6 10.2210/pdb1au6/pdb 
WWPDB D_1000171262 ?            ?                   
# 
loop_
_pdbx_audit_revision_history.ordinal 
_pdbx_audit_revision_history.data_content_type 
_pdbx_audit_revision_history.major_revision 
_pdbx_audit_revision_history.minor_revision 
_pdbx_audit_revision_history.revision_date 
1 'Structure model' 1 0 1998-02-25 
2 'Structure model' 1 1 2008-03-03 
3 'Structure model' 1 2 2011-07-13 
4 'Structure model' 1 3 2022-02-16 
5 'Structure model' 1 4 2024-05-22 
# 
_pdbx_audit_revision_details.ordinal             1 
_pdbx_audit_revision_details.revision_ordinal    1 
_pdbx_audit_revision_details.data_content_type   'Structure model' 
_pdbx_audit_revision_details.provider            repository 
_pdbx_audit_revision_details.type                'Initial release' 
_pdbx_audit_revision_details.description         ? 
_pdbx_audit_revision_details.details             ? 
# 
loop_
_pdbx_audit_revision_group.ordinal 
_pdbx_audit_revision_group.revision_ordinal 
_pdbx_audit_revision_group.data_content_type 
_pdbx_audit_revision_group.group 
1 2 'Structure model' 'Version format compliance' 
2 3 'Structure model' 'Version format compliance' 
3 4 'Structure model' 'Database references'       
4 4 'Structure model' 'Derived calculations'      
5 4 'Structure model' Other                       
6 5 'Structure model' 'Data collection'           
# 
loop_
_pdbx_audit_revision_category.ordinal 
_pdbx_audit_revision_category.revision_ordinal 
_pdbx_audit_revision_category.data_content_type 
_pdbx_audit_revision_category.category 
1 4 'Structure model' database_2            
2 4 'Structure model' pdbx_database_status  
3 4 'Structure model' pdbx_struct_assembly  
4 4 'Structure model' pdbx_struct_oper_list 
5 4 'Structure model' struct_conn           
6 4 'Structure model' struct_site           
7 5 'Structure model' chem_comp_atom        
8 5 'Structure model' chem_comp_bond        
# 
loop_
_pdbx_audit_revision_item.ordinal 
_pdbx_audit_revision_item.revision_ordinal 
_pdbx_audit_revision_item.data_content_type 
_pdbx_audit_revision_item.item 
1  4 'Structure model' '_database_2.pdbx_DOI'                
2  4 'Structure model' '_database_2.pdbx_database_accession' 
3  4 'Structure model' '_pdbx_database_status.process_site'  
4  4 'Structure model' '_struct_conn.ptnr1_auth_comp_id'     
5  4 'Structure model' '_struct_conn.ptnr1_auth_seq_id'      
6  4 'Structure model' '_struct_conn.ptnr1_label_asym_id'    
7  4 'Structure model' '_struct_conn.ptnr1_label_atom_id'    
8  4 'Structure model' '_struct_conn.ptnr1_label_comp_id'    
9  4 'Structure model' '_struct_conn.ptnr1_label_seq_id'     
10 4 'Structure model' '_struct_conn.ptnr2_auth_comp_id'     
11 4 'Structure model' '_struct_conn.ptnr2_auth_seq_id'      
12 4 'Structure model' '_struct_conn.ptnr2_label_asym_id'    
13 4 'Structure model' '_struct_conn.ptnr2_label_atom_id'    
14 4 'Structure model' '_struct_conn.ptnr2_label_comp_id'    
15 4 'Structure model' '_struct_conn.ptnr2_label_seq_id'     
16 4 'Structure model' '_struct_site.pdbx_auth_asym_id'      
17 4 'Structure model' '_struct_site.pdbx_auth_comp_id'      
18 4 'Structure model' '_struct_site.pdbx_auth_seq_id'       
# 
_pdbx_database_status.status_code                     REL 
_pdbx_database_status.entry_id                        1AU6 
_pdbx_database_status.recvd_initial_deposition_date   1997-09-11 
_pdbx_database_status.deposit_site                    ? 
_pdbx_database_status.process_site                    BNL 
_pdbx_database_status.status_code_sf                  ? 
_pdbx_database_status.status_code_mr                  REL 
_pdbx_database_status.SG_entry                        ? 
_pdbx_database_status.pdb_format_compatible           Y 
_pdbx_database_status.status_code_cs                  ? 
_pdbx_database_status.status_code_nmr_data            ? 
_pdbx_database_status.methods_development_category    ? 
# 
loop_
_audit_author.name 
_audit_author.pdbx_ordinal 
'Yang, D.'           1 
'Van Boom, S.S.G.E.' 2 
'Reedijk, J.'        3 
'Van Boom, J.H.'     4 
'Farrell, N.'        5 
'Wang, A.H.-J.'      6 
# 
loop_
_citation.id 
_citation.title 
_citation.journal_abbrev 
_citation.journal_volume 
_citation.page_first 
_citation.page_last 
_citation.year 
_citation.journal_id_ASTM 
_citation.country 
_citation.journal_id_ISSN 
_citation.journal_id_CSD 
_citation.book_publisher 
_citation.pdbx_database_id_PubMed 
_citation.pdbx_database_id_DOI 
primary 'A novel DNA structure induced by the anticancer bisplatinum compound crosslinked to a GpC site in DNA.' Nat.Struct.Biol. 
2  577 586 1995 NSBIEW US 1072-8368 2024 ?                                                              7664126 
10.1038/nsb0795-577 
2       'Structural Studies of Interactions between Anticancer Platinum Drugs and DNA'                           
Prog.Biophys.Mol.Biol. 66 81  ?   1996 PBIMAC UK 0079-6107 0918 ?                                                              ? ? 
1       ?                                                                                                        Thesis ?  ?   ?   
1996 ?      US ?         2157 'Urbana : University of Illinois at Urbana-Champaign (Thesis)' ?       ?                   
# 
loop_
_citation_author.citation_id 
_citation_author.name 
_citation_author.ordinal 
_citation_author.identifier_ORCID 
primary 'Yang, D.'       1 ? 
primary 'van Boom, S.S.' 2 ? 
primary 'Reedijk, J.'    3 ? 
primary 'van Boom, J.H.' 4 ? 
primary 'Farrell, N.'    5 ? 
primary 'Wang, A.H.'     6 ? 
1       'Yang, D.'       7 ? 
2       'Yang, D.'       8 ? 
2       'Wang, A.H.'     9 ? 
# 
loop_
_entity.id 
_entity.type 
_entity.src_method 
_entity.pdbx_description 
_entity.formula_weight 
_entity.pdbx_number_of_molecules 
_entity.pdbx_ec 
_entity.pdbx_mutation 
_entity.pdbx_fragment 
_entity.details 
1 polymer     syn 
;DNA (5'-D(*CP*AP*TP*GP*CP*AP*TP*G)-3')
;
2426.617 2 ? ? ? 'BISPLATINUM COMPOUND (1,1/T,T) INTERSTRAND-CROSSLINKED DNA OCTAMER' 
2 non-polymer syn 'BIS(TRANS-PLATINUM ETHYLENEDIAMINE DIAMINE CHLORO)COMPLEX' 617.336  1 ? ? ? ? 
# 
_entity_poly.entity_id                      1 
_entity_poly.type                           polydeoxyribonucleotide 
_entity_poly.nstd_linkage                   no 
_entity_poly.nstd_monomer                   no 
_entity_poly.pdbx_seq_one_letter_code       '(DC)(DA)(DT)(DG)(DC)(DA)(DT)(DG)' 
_entity_poly.pdbx_seq_one_letter_code_can   CATGCATG 
_entity_poly.pdbx_strand_id                 A,B 
_entity_poly.pdbx_target_identifier         ? 
# 
_pdbx_entity_nonpoly.entity_id   2 
_pdbx_entity_nonpoly.name        'BIS(TRANS-PLATINUM ETHYLENEDIAMINE DIAMINE CHLORO)COMPLEX' 
_pdbx_entity_nonpoly.comp_id     BPT 
# 
loop_
_entity_poly_seq.entity_id 
_entity_poly_seq.num 
_entity_poly_seq.mon_id 
_entity_poly_seq.hetero 
1 1 DC n 
1 2 DA n 
1 3 DT n 
1 4 DG n 
1 5 DC n 
1 6 DA n 
1 7 DT n 
1 8 DG n 
# 
loop_
_chem_comp.id 
_chem_comp.type 
_chem_comp.mon_nstd_flag 
_chem_comp.name 
_chem_comp.pdbx_synonyms 
_chem_comp.formula 
_chem_comp.formula_weight 
BPT non-polymer   . 'BIS(TRANS-PLATINUM ETHYLENEDIAMINE DIAMINE CHLORO)COMPLEX' 1,1/T,T 'C4 H24 Cl2 N6 Pt2' 617.336 
DA  'DNA linking' y "2'-DEOXYADENOSINE-5'-MONOPHOSPHATE"                        ?       'C10 H14 N5 O6 P'   331.222 
DC  'DNA linking' y "2'-DEOXYCYTIDINE-5'-MONOPHOSPHATE"                         ?       'C9 H14 N3 O7 P'    307.197 
DG  'DNA linking' y "2'-DEOXYGUANOSINE-5'-MONOPHOSPHATE"                        ?       'C10 H14 N5 O7 P'   347.221 
DT  'DNA linking' y "THYMIDINE-5'-MONOPHOSPHATE"                                ?       'C10 H15 N2 O8 P'   322.208 
# 
loop_
_pdbx_poly_seq_scheme.asym_id 
_pdbx_poly_seq_scheme.entity_id 
_pdbx_poly_seq_scheme.seq_id 
_pdbx_poly_seq_scheme.mon_id 
_pdbx_poly_seq_scheme.ndb_seq_num 
_pdbx_poly_seq_scheme.pdb_seq_num 
_pdbx_poly_seq_scheme.auth_seq_num 
_pdbx_poly_seq_scheme.pdb_mon_id 
_pdbx_poly_seq_scheme.auth_mon_id 
_pdbx_poly_seq_scheme.pdb_strand_id 
_pdbx_poly_seq_scheme.pdb_ins_code 
_pdbx_poly_seq_scheme.hetero 
A 1 1 DC 1 1  1  DC C A . n 
A 1 2 DA 2 2  2  DA A A . n 
A 1 3 DT 3 3  3  DT T A . n 
A 1 4 DG 4 4  4  DG G A . n 
A 1 5 DC 5 5  5  DC C A . n 
A 1 6 DA 6 6  6  DA A A . n 
A 1 7 DT 7 7  7  DT T A . n 
A 1 8 DG 8 8  8  DG G A . n 
B 1 1 DC 1 9  9  DC C B . n 
B 1 2 DA 2 10 10 DA A B . n 
B 1 3 DT 3 11 11 DT T B . n 
B 1 4 DG 4 12 12 DG G B . n 
B 1 5 DC 5 13 13 DC C B . n 
B 1 6 DA 6 14 14 DA A B . n 
B 1 7 DT 7 15 15 DT T B . n 
B 1 8 DG 8 16 16 DG G B . n 
# 
_pdbx_nonpoly_scheme.asym_id         C 
_pdbx_nonpoly_scheme.entity_id       2 
_pdbx_nonpoly_scheme.mon_id          BPT 
_pdbx_nonpoly_scheme.ndb_seq_num     1 
_pdbx_nonpoly_scheme.pdb_seq_num     17 
_pdbx_nonpoly_scheme.auth_seq_num    17 
_pdbx_nonpoly_scheme.pdb_mon_id      BPT 
_pdbx_nonpoly_scheme.auth_mon_id     BPT 
_pdbx_nonpoly_scheme.pdb_strand_id   A 
_pdbx_nonpoly_scheme.pdb_ins_code    . 
# 
loop_
_software.name 
_software.classification 
_software.version 
_software.citation_id 
_software.pdbx_ordinal 
X-PLOR 'model building' . ? 1 
X-PLOR refinement       . ? 2 
X-PLOR phasing          . ? 3 
# 
_cell.entry_id           1AU6 
_cell.length_a           1.000 
_cell.length_b           1.000 
_cell.length_c           1.000 
_cell.angle_alpha        90.00 
_cell.angle_beta         90.00 
_cell.angle_gamma        90.00 
_cell.Z_PDB              1 
_cell.pdbx_unique_axis   ? 
# 
_symmetry.entry_id                         1AU6 
_symmetry.space_group_name_H-M             'P 1' 
_symmetry.pdbx_full_space_group_name_H-M   ? 
_symmetry.cell_setting                     ? 
_symmetry.Int_Tables_number                1 
# 
_exptl.entry_id          1AU6 
_exptl.method            'SOLUTION NMR' 
_exptl.crystals_number   ? 
# 
_struct.entry_id                  1AU6 
_struct.title                     
'SOLUTION STRUCTURE OF DNA D(CATGCATG) INTERSTRAND-CROSSLINKED BY BISPLATIN COMPOUND (1,1/T,T), NMR, MINIMIZED AVERAGE STRUCTURE' 
_struct.pdbx_model_details        ? 
_struct.pdbx_CASP_flag            ? 
_struct.pdbx_model_type_details   ? 
# 
_struct_keywords.entry_id        1AU6 
_struct_keywords.pdbx_keywords   DNA 
_struct_keywords.text            
'BISPLATINUM COMPOUND (1, 1/T, T), DNA, INTERSTRAND CROSSLINK, DUMBBELL STRUCTURE, DEOXYRIBONUCLEIC ACID' 
# 
loop_
_struct_asym.id 
_struct_asym.pdbx_blank_PDB_chainid_flag 
_struct_asym.pdbx_modified 
_struct_asym.entity_id 
_struct_asym.details 
A N N 1 ? 
B N N 1 ? 
C N N 2 ? 
# 
_struct_ref.id                         1 
_struct_ref.entity_id                  1 
_struct_ref.db_name                    PDB 
_struct_ref.db_code                    1AU6 
_struct_ref.pdbx_db_accession          1AU6 
_struct_ref.pdbx_db_isoform            ? 
_struct_ref.pdbx_seq_one_letter_code   ? 
_struct_ref.pdbx_align_begin           ? 
# 
loop_
_struct_ref_seq.align_id 
_struct_ref_seq.ref_id 
_struct_ref_seq.pdbx_PDB_id_code 
_struct_ref_seq.pdbx_strand_id 
_struct_ref_seq.seq_align_beg 
_struct_ref_seq.pdbx_seq_align_beg_ins_code 
_struct_ref_seq.seq_align_end 
_struct_ref_seq.pdbx_seq_align_end_ins_code 
_struct_ref_seq.pdbx_db_accession 
_struct_ref_seq.db_align_beg 
_struct_ref_seq.pdbx_db_align_beg_ins_code 
_struct_ref_seq.db_align_end 
_struct_ref_seq.pdbx_db_align_end_ins_code 
_struct_ref_seq.pdbx_auth_seq_align_beg 
_struct_ref_seq.pdbx_auth_seq_align_end 
1 1 1AU6 A 1 ? 8 ? 1AU6 1 ? 8  ? 1 8  
2 1 1AU6 B 1 ? 8 ? 1AU6 9 ? 16 ? 9 16 
# 
_pdbx_struct_assembly.id                   1 
_pdbx_struct_assembly.details              author_defined_assembly 
_pdbx_struct_assembly.method_details       ? 
_pdbx_struct_assembly.oligomeric_details   dimeric 
_pdbx_struct_assembly.oligomeric_count     2 
# 
_pdbx_struct_assembly_gen.assembly_id       1 
_pdbx_struct_assembly_gen.oper_expression   1 
_pdbx_struct_assembly_gen.asym_id_list      A,B,C 
# 
_pdbx_struct_oper_list.id                   1 
_pdbx_struct_oper_list.type                 'identity operation' 
_pdbx_struct_oper_list.name                 1_555 
_pdbx_struct_oper_list.symmetry_operation   x,y,z 
_pdbx_struct_oper_list.matrix[1][1]         1.0000000000 
_pdbx_struct_oper_list.matrix[1][2]         0.0000000000 
_pdbx_struct_oper_list.matrix[1][3]         0.0000000000 
_pdbx_struct_oper_list.vector[1]            0.0000000000 
_pdbx_struct_oper_list.matrix[2][1]         0.0000000000 
_pdbx_struct_oper_list.matrix[2][2]         1.0000000000 
_pdbx_struct_oper_list.matrix[2][3]         0.0000000000 
_pdbx_struct_oper_list.vector[2]            0.0000000000 
_pdbx_struct_oper_list.matrix[3][1]         0.0000000000 
_pdbx_struct_oper_list.matrix[3][2]         0.0000000000 
_pdbx_struct_oper_list.matrix[3][3]         1.0000000000 
_pdbx_struct_oper_list.vector[3]            0.0000000000 
# 
_struct_biol.id   1 
# 
loop_
_struct_conn.id 
_struct_conn.conn_type_id 
_struct_conn.pdbx_leaving_atom_flag 
_struct_conn.pdbx_PDB_id 
_struct_conn.ptnr1_label_asym_id 
_struct_conn.ptnr1_label_comp_id 
_struct_conn.ptnr1_label_seq_id 
_struct_conn.ptnr1_label_atom_id 
_struct_conn.pdbx_ptnr1_label_alt_id 
_struct_conn.pdbx_ptnr1_PDB_ins_code 
_struct_conn.pdbx_ptnr1_standard_comp_id 
_struct_conn.ptnr1_symmetry 
_struct_conn.ptnr2_label_asym_id 
_struct_conn.ptnr2_label_comp_id 
_struct_conn.ptnr2_label_seq_id 
_struct_conn.ptnr2_label_atom_id 
_struct_conn.pdbx_ptnr2_label_alt_id 
_struct_conn.pdbx_ptnr2_PDB_ins_code 
_struct_conn.ptnr1_auth_asym_id 
_struct_conn.ptnr1_auth_comp_id 
_struct_conn.ptnr1_auth_seq_id 
_struct_conn.ptnr2_auth_asym_id 
_struct_conn.ptnr2_auth_comp_id 
_struct_conn.ptnr2_auth_seq_id 
_struct_conn.ptnr2_symmetry 
_struct_conn.pdbx_ptnr3_label_atom_id 
_struct_conn.pdbx_ptnr3_label_seq_id 
_struct_conn.pdbx_ptnr3_label_comp_id 
_struct_conn.pdbx_ptnr3_label_asym_id 
_struct_conn.pdbx_ptnr3_label_alt_id 
_struct_conn.pdbx_ptnr3_PDB_ins_code 
_struct_conn.details 
_struct_conn.pdbx_dist_value 
_struct_conn.pdbx_value_order 
_struct_conn.pdbx_role 
metalc1  metalc ? ? A DG  4 N7  ? ? ? 1_555 C BPT . PT1 ? ? A DG  4  A BPT 17 1_555 ? ? ? ? ? ? ?               1.987 ? ? 
metalc2  metalc ? ? C BPT . PT2 ? ? ? 1_555 B DG  4 N7  ? ? A BPT 17 B DG  12 1_555 ? ? ? ? ? ? ?               1.987 ? ? 
hydrog1  hydrog ? ? A DC  1 N3  ? ? ? 1_555 A DG  8 N1  ? ? A DC  1  A DG  8  1_555 ? ? ? ? ? ? WATSON-CRICK    ?     ? ? 
hydrog2  hydrog ? ? A DC  1 N4  ? ? ? 1_555 A DG  8 O6  ? ? A DC  1  A DG  8  1_555 ? ? ? ? ? ? WATSON-CRICK    ?     ? ? 
hydrog3  hydrog ? ? A DC  1 O2  ? ? ? 1_555 A DG  8 N2  ? ? A DC  1  A DG  8  1_555 ? ? ? ? ? ? WATSON-CRICK    ?     ? ? 
hydrog4  hydrog ? ? A DA  2 N1  ? ? ? 1_555 A DT  7 N3  ? ? A DA  2  A DT  7  1_555 ? ? ? ? ? ? WATSON-CRICK    ?     ? ? 
hydrog5  hydrog ? ? A DA  2 N6  ? ? ? 1_555 A DT  7 O4  ? ? A DA  2  A DT  7  1_555 ? ? ? ? ? ? WATSON-CRICK    ?     ? ? 
hydrog6  hydrog ? ? A DT  3 N3  ? ? ? 1_555 A DA  6 N1  ? ? A DT  3  A DA  6  1_555 ? ? ? ? ? ? WATSON-CRICK    ?     ? ? 
hydrog7  hydrog ? ? A DT  3 O4  ? ? ? 1_555 A DA  6 N6  ? ? A DT  3  A DA  6  1_555 ? ? ? ? ? ? WATSON-CRICK    ?     ? ? 
hydrog8  hydrog ? ? A DG  4 N1  ? ? ? 1_555 A DG  8 N3  ? ? A DG  4  A DG  8  1_555 ? ? ? ? ? ? 'DG-DG MISPAIR' ?     ? ? 
hydrog9  hydrog ? ? B DC  1 N3  ? ? ? 1_555 B DG  8 N1  ? ? B DC  9  B DG  16 1_555 ? ? ? ? ? ? WATSON-CRICK    ?     ? ? 
hydrog10 hydrog ? ? B DC  1 N4  ? ? ? 1_555 B DG  8 O6  ? ? B DC  9  B DG  16 1_555 ? ? ? ? ? ? WATSON-CRICK    ?     ? ? 
hydrog11 hydrog ? ? B DC  1 O2  ? ? ? 1_555 B DG  8 N2  ? ? B DC  9  B DG  16 1_555 ? ? ? ? ? ? WATSON-CRICK    ?     ? ? 
hydrog12 hydrog ? ? B DA  2 N1  ? ? ? 1_555 B DT  7 N3  ? ? B DA  10 B DT  15 1_555 ? ? ? ? ? ? WATSON-CRICK    ?     ? ? 
hydrog13 hydrog ? ? B DA  2 N6  ? ? ? 1_555 B DT  7 O4  ? ? B DA  10 B DT  15 1_555 ? ? ? ? ? ? WATSON-CRICK    ?     ? ? 
hydrog14 hydrog ? ? B DT  3 N3  ? ? ? 1_555 B DA  6 N1  ? ? B DT  11 B DA  14 1_555 ? ? ? ? ? ? WATSON-CRICK    ?     ? ? 
hydrog15 hydrog ? ? B DT  3 O4  ? ? ? 1_555 B DA  6 N6  ? ? B DT  11 B DA  14 1_555 ? ? ? ? ? ? WATSON-CRICK    ?     ? ? 
hydrog16 hydrog ? ? B DG  4 N1  ? ? ? 1_555 B DG  8 N3  ? ? B DG  12 B DG  16 1_555 ? ? ? ? ? ? 'DG-DG MISPAIR' ?     ? ? 
# 
loop_
_struct_conn_type.id 
_struct_conn_type.criteria 
_struct_conn_type.reference 
metalc ? ? 
hydrog ? ? 
# 
loop_
_pdbx_struct_conn_angle.id 
_pdbx_struct_conn_angle.ptnr1_label_atom_id 
_pdbx_struct_conn_angle.ptnr1_label_alt_id 
_pdbx_struct_conn_angle.ptnr1_label_asym_id 
_pdbx_struct_conn_angle.ptnr1_label_comp_id 
_pdbx_struct_conn_angle.ptnr1_label_seq_id 
_pdbx_struct_conn_angle.ptnr1_auth_atom_id 
_pdbx_struct_conn_angle.ptnr1_auth_asym_id 
_pdbx_struct_conn_angle.ptnr1_auth_comp_id 
_pdbx_struct_conn_angle.ptnr1_auth_seq_id 
_pdbx_struct_conn_angle.ptnr1_PDB_ins_code 
_pdbx_struct_conn_angle.ptnr1_symmetry 
_pdbx_struct_conn_angle.ptnr2_label_atom_id 
_pdbx_struct_conn_angle.ptnr2_label_alt_id 
_pdbx_struct_conn_angle.ptnr2_label_asym_id 
_pdbx_struct_conn_angle.ptnr2_label_comp_id 
_pdbx_struct_conn_angle.ptnr2_label_seq_id 
_pdbx_struct_conn_angle.ptnr2_auth_atom_id 
_pdbx_struct_conn_angle.ptnr2_auth_asym_id 
_pdbx_struct_conn_angle.ptnr2_auth_comp_id 
_pdbx_struct_conn_angle.ptnr2_auth_seq_id 
_pdbx_struct_conn_angle.ptnr2_PDB_ins_code 
_pdbx_struct_conn_angle.ptnr2_symmetry 
_pdbx_struct_conn_angle.ptnr3_label_atom_id 
_pdbx_struct_conn_angle.ptnr3_label_alt_id 
_pdbx_struct_conn_angle.ptnr3_label_asym_id 
_pdbx_struct_conn_angle.ptnr3_label_comp_id 
_pdbx_struct_conn_angle.ptnr3_label_seq_id 
_pdbx_struct_conn_angle.ptnr3_auth_atom_id 
_pdbx_struct_conn_angle.ptnr3_auth_asym_id 
_pdbx_struct_conn_angle.ptnr3_auth_comp_id 
_pdbx_struct_conn_angle.ptnr3_auth_seq_id 
_pdbx_struct_conn_angle.ptnr3_PDB_ins_code 
_pdbx_struct_conn_angle.ptnr3_symmetry 
_pdbx_struct_conn_angle.value 
_pdbx_struct_conn_angle.value_esd 
1  N7 ? A DG  4 ? A DG  4  ? 1_555 PT1 ? C BPT . ? A BPT 17 ? 1_555 N1 ? C BPT . ? A BPT 17 ? 1_555 179.3 ? 
2  N7 ? A DG  4 ? A DG  4  ? 1_555 PT1 ? C BPT . ? A BPT 17 ? 1_555 N3 ? C BPT . ? A BPT 17 ? 1_555 89.2  ? 
3  N1 ? C BPT . ? A BPT 17 ? 1_555 PT1 ? C BPT . ? A BPT 17 ? 1_555 N3 ? C BPT . ? A BPT 17 ? 1_555 90.2  ? 
4  N7 ? A DG  4 ? A DG  4  ? 1_555 PT1 ? C BPT . ? A BPT 17 ? 1_555 N4 ? C BPT . ? A BPT 17 ? 1_555 90.9  ? 
5  N1 ? C BPT . ? A BPT 17 ? 1_555 PT1 ? C BPT . ? A BPT 17 ? 1_555 N4 ? C BPT . ? A BPT 17 ? 1_555 89.8  ? 
6  N3 ? C BPT . ? A BPT 17 ? 1_555 PT1 ? C BPT . ? A BPT 17 ? 1_555 N4 ? C BPT . ? A BPT 17 ? 1_555 179.8 ? 
7  N7 ? B DG  4 ? B DG  12 ? 1_555 PT2 ? C BPT . ? A BPT 17 ? 1_555 N2 ? C BPT . ? A BPT 17 ? 1_555 179.2 ? 
8  N7 ? B DG  4 ? B DG  12 ? 1_555 PT2 ? C BPT . ? A BPT 17 ? 1_555 N5 ? C BPT . ? A BPT 17 ? 1_555 89.1  ? 
9  N2 ? C BPT . ? A BPT 17 ? 1_555 PT2 ? C BPT . ? A BPT 17 ? 1_555 N5 ? C BPT . ? A BPT 17 ? 1_555 90.1  ? 
10 N7 ? B DG  4 ? B DG  12 ? 1_555 PT2 ? C BPT . ? A BPT 17 ? 1_555 N6 ? C BPT . ? A BPT 17 ? 1_555 90.9  ? 
11 N2 ? C BPT . ? A BPT 17 ? 1_555 PT2 ? C BPT . ? A BPT 17 ? 1_555 N6 ? C BPT . ? A BPT 17 ? 1_555 89.8  ? 
12 N5 ? C BPT . ? A BPT 17 ? 1_555 PT2 ? C BPT . ? A BPT 17 ? 1_555 N6 ? C BPT . ? A BPT 17 ? 1_555 179.9 ? 
# 
_struct_site.id                   AC1 
_struct_site.pdbx_evidence_code   Software 
_struct_site.pdbx_auth_asym_id    A 
_struct_site.pdbx_auth_comp_id    BPT 
_struct_site.pdbx_auth_seq_id     17 
_struct_site.pdbx_auth_ins_code   ? 
_struct_site.pdbx_num_residues    6 
_struct_site.details              'BINDING SITE FOR RESIDUE BPT A 17' 
# 
loop_
_struct_site_gen.id 
_struct_site_gen.site_id 
_struct_site_gen.pdbx_num_res 
_struct_site_gen.label_comp_id 
_struct_site_gen.label_asym_id 
_struct_site_gen.label_seq_id 
_struct_site_gen.pdbx_auth_ins_code 
_struct_site_gen.auth_comp_id 
_struct_site_gen.auth_asym_id 
_struct_site_gen.auth_seq_id 
_struct_site_gen.label_atom_id 
_struct_site_gen.label_alt_id 
_struct_site_gen.symmetry 
_struct_site_gen.details 
1 AC1 6 DA A 2 ? DA A 2  . ? 1_555 ? 
2 AC1 6 DT A 3 ? DT A 3  . ? 1_555 ? 
3 AC1 6 DG A 4 ? DG A 4  . ? 1_555 ? 
4 AC1 6 DA B 2 ? DA B 10 . ? 1_555 ? 
5 AC1 6 DT B 3 ? DT B 11 . ? 1_555 ? 
6 AC1 6 DG B 4 ? DG B 12 . ? 1_555 ? 
# 
loop_
_pdbx_validate_close_contact.id 
_pdbx_validate_close_contact.PDB_model_num 
_pdbx_validate_close_contact.auth_atom_id_1 
_pdbx_validate_close_contact.auth_asym_id_1 
_pdbx_validate_close_contact.auth_comp_id_1 
_pdbx_validate_close_contact.auth_seq_id_1 
_pdbx_validate_close_contact.PDB_ins_code_1 
_pdbx_validate_close_contact.label_alt_id_1 
_pdbx_validate_close_contact.auth_atom_id_2 
_pdbx_validate_close_contact.auth_asym_id_2 
_pdbx_validate_close_contact.auth_comp_id_2 
_pdbx_validate_close_contact.auth_seq_id_2 
_pdbx_validate_close_contact.PDB_ins_code_2 
_pdbx_validate_close_contact.label_alt_id_2 
_pdbx_validate_close_contact.dist 
1 1 "H2''" A DA 2  ? ? "O4'" A DT 3  ? ? 1.56 
2 1 "H2''" B DA 10 ? ? "O4'" B DT 11 ? ? 1.56 
# 
loop_
_pdbx_validate_rmsd_bond.id 
_pdbx_validate_rmsd_bond.PDB_model_num 
_pdbx_validate_rmsd_bond.auth_atom_id_1 
_pdbx_validate_rmsd_bond.auth_asym_id_1 
_pdbx_validate_rmsd_bond.auth_comp_id_1 
_pdbx_validate_rmsd_bond.auth_seq_id_1 
_pdbx_validate_rmsd_bond.PDB_ins_code_1 
_pdbx_validate_rmsd_bond.label_alt_id_1 
_pdbx_validate_rmsd_bond.auth_atom_id_2 
_pdbx_validate_rmsd_bond.auth_asym_id_2 
_pdbx_validate_rmsd_bond.auth_comp_id_2 
_pdbx_validate_rmsd_bond.auth_seq_id_2 
_pdbx_validate_rmsd_bond.PDB_ins_code_2 
_pdbx_validate_rmsd_bond.label_alt_id_2 
_pdbx_validate_rmsd_bond.bond_value 
_pdbx_validate_rmsd_bond.bond_target_value 
_pdbx_validate_rmsd_bond.bond_deviation 
_pdbx_validate_rmsd_bond.bond_standard_deviation 
_pdbx_validate_rmsd_bond.linker_flag 
1  1 C5    A DT 3  ? ? C7    A DT 3  ? ? 1.537 1.496 0.041  0.006 N 
2  1 C8    A DG 4  ? ? N9    A DG 4  ? ? 1.321 1.374 -0.053 0.007 N 
3  1 "C5'" A DC 5  ? ? "C4'" A DC 5  ? ? 1.612 1.512 0.100  0.007 N 
4  1 C5    A DC 5  ? ? C6    A DC 5  ? ? 1.392 1.339 0.053  0.008 N 
5  1 "C3'" A DA 6  ? ? "C2'" A DA 6  ? ? 1.464 1.516 -0.052 0.008 N 
6  1 N9    A DA 6  ? ? C4    A DA 6  ? ? 1.334 1.374 -0.040 0.006 N 
7  1 C5    A DT 7  ? ? C7    A DT 7  ? ? 1.540 1.496 0.044  0.006 N 
8  1 C5    B DT 11 ? ? C7    B DT 11 ? ? 1.538 1.496 0.042  0.006 N 
9  1 C8    B DG 12 ? ? N9    B DG 12 ? ? 1.321 1.374 -0.053 0.007 N 
10 1 "C5'" B DC 13 ? ? "C4'" B DC 13 ? ? 1.612 1.512 0.100  0.007 N 
11 1 C5    B DC 13 ? ? C6    B DC 13 ? ? 1.392 1.339 0.053  0.008 N 
12 1 "C3'" B DA 14 ? ? "C2'" B DA 14 ? ? 1.464 1.516 -0.052 0.008 N 
13 1 N9    B DA 14 ? ? C4    B DA 14 ? ? 1.334 1.374 -0.040 0.006 N 
14 1 C5    B DT 15 ? ? C7    B DT 15 ? ? 1.539 1.496 0.043  0.006 N 
# 
loop_
_pdbx_validate_rmsd_angle.id 
_pdbx_validate_rmsd_angle.PDB_model_num 
_pdbx_validate_rmsd_angle.auth_atom_id_1 
_pdbx_validate_rmsd_angle.auth_asym_id_1 
_pdbx_validate_rmsd_angle.auth_comp_id_1 
_pdbx_validate_rmsd_angle.auth_seq_id_1 
_pdbx_validate_rmsd_angle.PDB_ins_code_1 
_pdbx_validate_rmsd_angle.label_alt_id_1 
_pdbx_validate_rmsd_angle.auth_atom_id_2 
_pdbx_validate_rmsd_angle.auth_asym_id_2 
_pdbx_validate_rmsd_angle.auth_comp_id_2 
_pdbx_validate_rmsd_angle.auth_seq_id_2 
_pdbx_validate_rmsd_angle.PDB_ins_code_2 
_pdbx_validate_rmsd_angle.label_alt_id_2 
_pdbx_validate_rmsd_angle.auth_atom_id_3 
_pdbx_validate_rmsd_angle.auth_asym_id_3 
_pdbx_validate_rmsd_angle.auth_comp_id_3 
_pdbx_validate_rmsd_angle.auth_seq_id_3 
_pdbx_validate_rmsd_angle.PDB_ins_code_3 
_pdbx_validate_rmsd_angle.label_alt_id_3 
_pdbx_validate_rmsd_angle.angle_value 
_pdbx_validate_rmsd_angle.angle_target_value 
_pdbx_validate_rmsd_angle.angle_deviation 
_pdbx_validate_rmsd_angle.angle_standard_deviation 
_pdbx_validate_rmsd_angle.linker_flag 
1  1 "C5'" A DC 1  ? ? "C4'" A DC 1  ? ? "O4'" A DC 1  ? ? 117.47 109.80 7.67   1.10 N 
2  1 "O4'" A DC 1  ? ? "C1'" A DC 1  ? ? "C2'" A DC 1  ? ? 100.96 105.90 -4.94  0.80 N 
3  1 "C5'" A DA 2  ? ? "C4'" A DA 2  ? ? "O4'" A DA 2  ? ? 122.80 109.80 13.00  1.10 N 
4  1 "O4'" A DA 2  ? ? "C1'" A DA 2  ? ? N9    A DA 2  ? ? 110.61 108.30 2.31   0.30 N 
5  1 "O3'" A DA 2  ? ? P     A DT 3  ? ? "O5'" A DT 3  ? ? 91.57  104.00 -12.43 1.90 Y 
6  1 "C5'" A DT 3  ? ? "C4'" A DT 3  ? ? "O4'" A DT 3  ? ? 117.65 109.80 7.85   1.10 N 
7  1 "O4'" A DT 3  ? ? "C1'" A DT 3  ? ? N1    A DT 3  ? ? 112.82 108.30 4.52   0.30 N 
8  1 C4    A DT 3  ? ? C5    A DT 3  ? ? C7    A DT 3  ? ? 124.03 119.00 5.03   0.60 N 
9  1 C6    A DT 3  ? ? C5    A DT 3  ? ? C7    A DT 3  ? ? 116.77 122.90 -6.13  0.60 N 
10 1 "O4'" A DG 4  ? ? "C1'" A DG 4  ? ? N9    A DG 4  ? ? 111.40 108.30 3.10   0.30 N 
11 1 N7    A DG 4  ? ? C8    A DG 4  ? ? N9    A DG 4  ? ? 117.09 113.10 3.99   0.50 N 
12 1 "C3'" A DG 4  ? ? "O3'" A DG 4  ? ? P     A DC 5  ? ? 128.15 119.70 8.45   1.20 Y 
13 1 "C5'" A DC 5  ? ? "C4'" A DC 5  ? ? "C3'" A DC 5  ? ? 123.12 115.70 7.42   1.20 N 
14 1 "O4'" A DC 5  ? ? "C1'" A DC 5  ? ? "C2'" A DC 5  ? ? 100.95 105.90 -4.95  0.80 N 
15 1 C2    A DC 5  ? ? N3    A DC 5  ? ? C4    A DC 5  ? ? 123.35 119.90 3.45   0.50 N 
16 1 "O4'" A DA 6  ? ? "C4'" A DA 6  ? ? "C3'" A DA 6  ? ? 110.47 106.00 4.47   0.60 N 
17 1 "C4'" A DA 6  ? ? "C3'" A DA 6  ? ? "C2'" A DA 6  ? ? 95.62  102.20 -6.58  0.70 N 
18 1 "O4'" A DA 6  ? ? "C1'" A DA 6  ? ? N9    A DA 6  ? ? 118.23 108.30 9.93   0.30 N 
19 1 C5    A DA 6  ? ? N7    A DA 6  ? ? C8    A DA 6  ? ? 100.62 103.90 -3.28  0.50 N 
20 1 N7    A DA 6  ? ? C8    A DA 6  ? ? N9    A DA 6  ? ? 117.25 113.80 3.45   0.50 N 
21 1 "O4'" A DT 7  ? ? "C1'" A DT 7  ? ? N1    A DT 7  ? ? 113.67 108.30 5.37   0.30 N 
22 1 "C3'" A DT 7  ? ? "O3'" A DT 7  ? ? P     A DG 8  ? ? 128.16 119.70 8.46   1.20 Y 
23 1 "O4'" A DG 8  ? ? "C1'" A DG 8  ? ? "C2'" A DG 8  ? ? 97.60  105.90 -8.30  0.80 N 
24 1 "O4'" A DG 8  ? ? "C1'" A DG 8  ? ? N9    A DG 8  ? ? 117.96 108.30 9.66   0.30 N 
25 1 "C5'" B DC 9  ? ? "C4'" B DC 9  ? ? "O4'" B DC 9  ? ? 117.38 109.80 7.58   1.10 N 
26 1 "O4'" B DC 9  ? ? "C1'" B DC 9  ? ? "C2'" B DC 9  ? ? 100.89 105.90 -5.01  0.80 N 
27 1 "C5'" B DA 10 ? ? "C4'" B DA 10 ? ? "O4'" B DA 10 ? ? 122.77 109.80 12.97  1.10 N 
28 1 "O4'" B DA 10 ? ? "C1'" B DA 10 ? ? N9    B DA 10 ? ? 110.62 108.30 2.32   0.30 N 
29 1 "O3'" B DA 10 ? ? P     B DT 11 ? ? "O5'" B DT 11 ? ? 91.58  104.00 -12.42 1.90 Y 
30 1 "C5'" B DT 11 ? ? "C4'" B DT 11 ? ? "O4'" B DT 11 ? ? 117.63 109.80 7.83   1.10 N 
31 1 "O4'" B DT 11 ? ? "C1'" B DT 11 ? ? N1    B DT 11 ? ? 112.86 108.30 4.56   0.30 N 
32 1 C4    B DT 11 ? ? C5    B DT 11 ? ? C7    B DT 11 ? ? 123.99 119.00 4.99   0.60 N 
33 1 C6    B DT 11 ? ? C5    B DT 11 ? ? C7    B DT 11 ? ? 116.75 122.90 -6.15  0.60 N 
34 1 "O4'" B DG 12 ? ? "C1'" B DG 12 ? ? N9    B DG 12 ? ? 111.36 108.30 3.06   0.30 N 
35 1 N7    B DG 12 ? ? C8    B DG 12 ? ? N9    B DG 12 ? ? 117.02 113.10 3.92   0.50 N 
36 1 "C3'" B DG 12 ? ? "O3'" B DG 12 ? ? P     B DC 13 ? ? 128.14 119.70 8.44   1.20 Y 
37 1 "C5'" B DC 13 ? ? "C4'" B DC 13 ? ? "C3'" B DC 13 ? ? 123.12 115.70 7.42   1.20 N 
38 1 "O4'" B DC 13 ? ? "C1'" B DC 13 ? ? "C2'" B DC 13 ? ? 100.99 105.90 -4.91  0.80 N 
39 1 C2    B DC 13 ? ? N3    B DC 13 ? ? C4    B DC 13 ? ? 123.33 119.90 3.43   0.50 N 
40 1 "O4'" B DA 14 ? ? "C4'" B DA 14 ? ? "C3'" B DA 14 ? ? 110.53 106.00 4.53   0.60 N 
41 1 "C4'" B DA 14 ? ? "C3'" B DA 14 ? ? "C2'" B DA 14 ? ? 95.61  102.20 -6.59  0.70 N 
42 1 "O4'" B DA 14 ? ? "C1'" B DA 14 ? ? N9    B DA 14 ? ? 118.27 108.30 9.97   0.30 N 
43 1 C5    B DA 14 ? ? N7    B DA 14 ? ? C8    B DA 14 ? ? 100.71 103.90 -3.19  0.50 N 
44 1 N7    B DA 14 ? ? C8    B DA 14 ? ? N9    B DA 14 ? ? 117.19 113.80 3.39   0.50 N 
45 1 "O4'" B DT 15 ? ? "C1'" B DT 15 ? ? N1    B DT 15 ? ? 113.65 108.30 5.35   0.30 N 
46 1 "C3'" B DT 15 ? ? "O3'" B DT 15 ? ? P     B DG 16 ? ? 128.15 119.70 8.45   1.20 Y 
47 1 "O4'" B DG 16 ? ? "C1'" B DG 16 ? ? "C2'" B DG 16 ? ? 97.62  105.90 -8.28  0.80 N 
48 1 "O4'" B DG 16 ? ? "C1'" B DG 16 ? ? N9    B DG 16 ? ? 118.01 108.30 9.71   0.30 N 
# 
loop_
_pdbx_validate_planes.id 
_pdbx_validate_planes.PDB_model_num 
_pdbx_validate_planes.auth_comp_id 
_pdbx_validate_planes.auth_asym_id 
_pdbx_validate_planes.auth_seq_id 
_pdbx_validate_planes.PDB_ins_code 
_pdbx_validate_planes.label_alt_id 
_pdbx_validate_planes.rmsd 
_pdbx_validate_planes.type 
1 1 DG A 4  ? ? 0.099 'SIDE CHAIN' 
2 1 DA A 6  ? ? 0.067 'SIDE CHAIN' 
3 1 DG B 12 ? ? 0.099 'SIDE CHAIN' 
4 1 DA B 14 ? ? 0.067 'SIDE CHAIN' 
# 
_pdbx_nmr_ensemble.entry_id                             1AU6 
_pdbx_nmr_ensemble.conformers_calculated_total_number   1 
_pdbx_nmr_ensemble.conformers_submitted_total_number    1 
_pdbx_nmr_ensemble.conformer_selection_criteria         ? 
# 
_pdbx_nmr_exptl_sample_conditions.conditions_id       1 
_pdbx_nmr_exptl_sample_conditions.temperature         275 
_pdbx_nmr_exptl_sample_conditions.pressure            '1 ATM SOLVENT SYSTEM : H2O/D2O' 
_pdbx_nmr_exptl_sample_conditions.pH                  7 
_pdbx_nmr_exptl_sample_conditions.ionic_strength      '150 mM NACL' 
_pdbx_nmr_exptl_sample_conditions.pressure_units      . 
_pdbx_nmr_exptl_sample_conditions.temperature_units   K 
# 
loop_
_pdbx_nmr_exptl.experiment_id 
_pdbx_nmr_exptl.conditions_id 
_pdbx_nmr_exptl.type 
_pdbx_nmr_exptl.solution_id 
1 1 2D1HNOESY 1 
2 1 TOCSY     1 
# 
_pdbx_nmr_refine.entry_id           1AU6 
_pdbx_nmr_refine.method             'NOE-RESTRAINED REFINEMENT SPEDREF' 
_pdbx_nmr_refine.details            ? 
_pdbx_nmr_refine.software_ordinal   1 
# 
loop_
_pdbx_nmr_software.classification 
_pdbx_nmr_software.name 
_pdbx_nmr_software.version 
_pdbx_nmr_software.authors 
_pdbx_nmr_software.ordinal 
refinement           X-PLOR ? BRUNGER 1 
'structure solution' X-PLOR ? ?       2 
'structure solution' QUANTA ? ?       3 
# 
loop_
_chem_comp_atom.comp_id 
_chem_comp_atom.atom_id 
_chem_comp_atom.type_symbol 
_chem_comp_atom.pdbx_aromatic_flag 
_chem_comp_atom.pdbx_stereo_config 
_chem_comp_atom.pdbx_ordinal 
BPT PT1    PT N N 1   
BPT CL1    CL N N 2   
BPT N1     N  N N 3   
BPT C1     C  N N 4   
BPT C2     C  N N 5   
BPT C3     C  N N 6   
BPT C4     C  N N 7   
BPT N2     N  N N 8   
BPT PT2    PT N N 9   
BPT N3     N  N N 10  
BPT N4     N  N N 11  
BPT N5     N  N N 12  
BPT N6     N  N N 13  
BPT CL2    CL N N 14  
BPT HN11   H  N N 15  
BPT HN12   H  N N 16  
BPT HC11   H  N N 17  
BPT HC12   H  N N 18  
BPT HC21   H  N N 19  
BPT HC22   H  N N 20  
BPT HC31   H  N N 21  
BPT HC32   H  N N 22  
BPT HC41   H  N N 23  
BPT HC42   H  N N 24  
BPT HN21   H  N N 25  
BPT HN22   H  N N 26  
BPT HN31   H  N N 27  
BPT HN32   H  N N 28  
BPT HN33   H  N N 29  
BPT HN41   H  N N 30  
BPT HN42   H  N N 31  
BPT HN43   H  N N 32  
BPT HN51   H  N N 33  
BPT HN52   H  N N 34  
BPT HN53   H  N N 35  
BPT HN61   H  N N 36  
BPT HN62   H  N N 37  
BPT HN63   H  N N 38  
DA  OP3    O  N N 39  
DA  P      P  N N 40  
DA  OP1    O  N N 41  
DA  OP2    O  N N 42  
DA  "O5'"  O  N N 43  
DA  "C5'"  C  N N 44  
DA  "C4'"  C  N R 45  
DA  "O4'"  O  N N 46  
DA  "C3'"  C  N S 47  
DA  "O3'"  O  N N 48  
DA  "C2'"  C  N N 49  
DA  "C1'"  C  N R 50  
DA  N9     N  Y N 51  
DA  C8     C  Y N 52  
DA  N7     N  Y N 53  
DA  C5     C  Y N 54  
DA  C6     C  Y N 55  
DA  N6     N  N N 56  
DA  N1     N  Y N 57  
DA  C2     C  Y N 58  
DA  N3     N  Y N 59  
DA  C4     C  Y N 60  
DA  HOP3   H  N N 61  
DA  HOP2   H  N N 62  
DA  "H5'"  H  N N 63  
DA  "H5''" H  N N 64  
DA  "H4'"  H  N N 65  
DA  "H3'"  H  N N 66  
DA  "HO3'" H  N N 67  
DA  "H2'"  H  N N 68  
DA  "H2''" H  N N 69  
DA  "H1'"  H  N N 70  
DA  H8     H  N N 71  
DA  H61    H  N N 72  
DA  H62    H  N N 73  
DA  H2     H  N N 74  
DC  OP3    O  N N 75  
DC  P      P  N N 76  
DC  OP1    O  N N 77  
DC  OP2    O  N N 78  
DC  "O5'"  O  N N 79  
DC  "C5'"  C  N N 80  
DC  "C4'"  C  N R 81  
DC  "O4'"  O  N N 82  
DC  "C3'"  C  N S 83  
DC  "O3'"  O  N N 84  
DC  "C2'"  C  N N 85  
DC  "C1'"  C  N R 86  
DC  N1     N  N N 87  
DC  C2     C  N N 88  
DC  O2     O  N N 89  
DC  N3     N  N N 90  
DC  C4     C  N N 91  
DC  N4     N  N N 92  
DC  C5     C  N N 93  
DC  C6     C  N N 94  
DC  HOP3   H  N N 95  
DC  HOP2   H  N N 96  
DC  "H5'"  H  N N 97  
DC  "H5''" H  N N 98  
DC  "H4'"  H  N N 99  
DC  "H3'"  H  N N 100 
DC  "HO3'" H  N N 101 
DC  "H2'"  H  N N 102 
DC  "H2''" H  N N 103 
DC  "H1'"  H  N N 104 
DC  H41    H  N N 105 
DC  H42    H  N N 106 
DC  H5     H  N N 107 
DC  H6     H  N N 108 
DG  OP3    O  N N 109 
DG  P      P  N N 110 
DG  OP1    O  N N 111 
DG  OP2    O  N N 112 
DG  "O5'"  O  N N 113 
DG  "C5'"  C  N N 114 
DG  "C4'"  C  N R 115 
DG  "O4'"  O  N N 116 
DG  "C3'"  C  N S 117 
DG  "O3'"  O  N N 118 
DG  "C2'"  C  N N 119 
DG  "C1'"  C  N R 120 
DG  N9     N  Y N 121 
DG  C8     C  Y N 122 
DG  N7     N  Y N 123 
DG  C5     C  Y N 124 
DG  C6     C  N N 125 
DG  O6     O  N N 126 
DG  N1     N  N N 127 
DG  C2     C  N N 128 
DG  N2     N  N N 129 
DG  N3     N  N N 130 
DG  C4     C  Y N 131 
DG  HOP3   H  N N 132 
DG  HOP2   H  N N 133 
DG  "H5'"  H  N N 134 
DG  "H5''" H  N N 135 
DG  "H4'"  H  N N 136 
DG  "H3'"  H  N N 137 
DG  "HO3'" H  N N 138 
DG  "H2'"  H  N N 139 
DG  "H2''" H  N N 140 
DG  "H1'"  H  N N 141 
DG  H8     H  N N 142 
DG  H1     H  N N 143 
DG  H21    H  N N 144 
DG  H22    H  N N 145 
DT  OP3    O  N N 146 
DT  P      P  N N 147 
DT  OP1    O  N N 148 
DT  OP2    O  N N 149 
DT  "O5'"  O  N N 150 
DT  "C5'"  C  N N 151 
DT  "C4'"  C  N R 152 
DT  "O4'"  O  N N 153 
DT  "C3'"  C  N S 154 
DT  "O3'"  O  N N 155 
DT  "C2'"  C  N N 156 
DT  "C1'"  C  N R 157 
DT  N1     N  N N 158 
DT  C2     C  N N 159 
DT  O2     O  N N 160 
DT  N3     N  N N 161 
DT  C4     C  N N 162 
DT  O4     O  N N 163 
DT  C5     C  N N 164 
DT  C7     C  N N 165 
DT  C6     C  N N 166 
DT  HOP3   H  N N 167 
DT  HOP2   H  N N 168 
DT  "H5'"  H  N N 169 
DT  "H5''" H  N N 170 
DT  "H4'"  H  N N 171 
DT  "H3'"  H  N N 172 
DT  "HO3'" H  N N 173 
DT  "H2'"  H  N N 174 
DT  "H2''" H  N N 175 
DT  "H1'"  H  N N 176 
DT  H3     H  N N 177 
DT  H71    H  N N 178 
DT  H72    H  N N 179 
DT  H73    H  N N 180 
DT  H6     H  N N 181 
# 
loop_
_chem_comp_bond.comp_id 
_chem_comp_bond.atom_id_1 
_chem_comp_bond.atom_id_2 
_chem_comp_bond.value_order 
_chem_comp_bond.pdbx_aromatic_flag 
_chem_comp_bond.pdbx_stereo_config 
_chem_comp_bond.pdbx_ordinal 
BPT PT1   CL1    sing N N 1   
BPT PT1   N1     sing N N 2   
BPT PT1   N3     sing N N 3   
BPT PT1   N4     sing N N 4   
BPT N1    C1     sing N N 5   
BPT N1    HN11   sing N N 6   
BPT N1    HN12   sing N N 7   
BPT C1    C2     sing N N 8   
BPT C1    HC11   sing N N 9   
BPT C1    HC12   sing N N 10  
BPT C2    C3     sing N N 11  
BPT C2    HC21   sing N N 12  
BPT C2    HC22   sing N N 13  
BPT C3    C4     sing N N 14  
BPT C3    HC31   sing N N 15  
BPT C3    HC32   sing N N 16  
BPT C4    N2     sing N N 17  
BPT C4    HC41   sing N N 18  
BPT C4    HC42   sing N N 19  
BPT N2    PT2    sing N N 20  
BPT N2    HN21   sing N N 21  
BPT N2    HN22   sing N N 22  
BPT PT2   N5     sing N N 23  
BPT PT2   N6     sing N N 24  
BPT PT2   CL2    sing N N 25  
BPT N3    HN31   sing N N 26  
BPT N3    HN32   sing N N 27  
BPT N3    HN33   sing N N 28  
BPT N4    HN41   sing N N 29  
BPT N4    HN42   sing N N 30  
BPT N4    HN43   sing N N 31  
BPT N5    HN51   sing N N 32  
BPT N5    HN52   sing N N 33  
BPT N5    HN53   sing N N 34  
BPT N6    HN61   sing N N 35  
BPT N6    HN62   sing N N 36  
BPT N6    HN63   sing N N 37  
DA  OP3   P      sing N N 38  
DA  OP3   HOP3   sing N N 39  
DA  P     OP1    doub N N 40  
DA  P     OP2    sing N N 41  
DA  P     "O5'"  sing N N 42  
DA  OP2   HOP2   sing N N 43  
DA  "O5'" "C5'"  sing N N 44  
DA  "C5'" "C4'"  sing N N 45  
DA  "C5'" "H5'"  sing N N 46  
DA  "C5'" "H5''" sing N N 47  
DA  "C4'" "O4'"  sing N N 48  
DA  "C4'" "C3'"  sing N N 49  
DA  "C4'" "H4'"  sing N N 50  
DA  "O4'" "C1'"  sing N N 51  
DA  "C3'" "O3'"  sing N N 52  
DA  "C3'" "C2'"  sing N N 53  
DA  "C3'" "H3'"  sing N N 54  
DA  "O3'" "HO3'" sing N N 55  
DA  "C2'" "C1'"  sing N N 56  
DA  "C2'" "H2'"  sing N N 57  
DA  "C2'" "H2''" sing N N 58  
DA  "C1'" N9     sing N N 59  
DA  "C1'" "H1'"  sing N N 60  
DA  N9    C8     sing Y N 61  
DA  N9    C4     sing Y N 62  
DA  C8    N7     doub Y N 63  
DA  C8    H8     sing N N 64  
DA  N7    C5     sing Y N 65  
DA  C5    C6     sing Y N 66  
DA  C5    C4     doub Y N 67  
DA  C6    N6     sing N N 68  
DA  C6    N1     doub Y N 69  
DA  N6    H61    sing N N 70  
DA  N6    H62    sing N N 71  
DA  N1    C2     sing Y N 72  
DA  C2    N3     doub Y N 73  
DA  C2    H2     sing N N 74  
DA  N3    C4     sing Y N 75  
DC  OP3   P      sing N N 76  
DC  OP3   HOP3   sing N N 77  
DC  P     OP1    doub N N 78  
DC  P     OP2    sing N N 79  
DC  P     "O5'"  sing N N 80  
DC  OP2   HOP2   sing N N 81  
DC  "O5'" "C5'"  sing N N 82  
DC  "C5'" "C4'"  sing N N 83  
DC  "C5'" "H5'"  sing N N 84  
DC  "C5'" "H5''" sing N N 85  
DC  "C4'" "O4'"  sing N N 86  
DC  "C4'" "C3'"  sing N N 87  
DC  "C4'" "H4'"  sing N N 88  
DC  "O4'" "C1'"  sing N N 89  
DC  "C3'" "O3'"  sing N N 90  
DC  "C3'" "C2'"  sing N N 91  
DC  "C3'" "H3'"  sing N N 92  
DC  "O3'" "HO3'" sing N N 93  
DC  "C2'" "C1'"  sing N N 94  
DC  "C2'" "H2'"  sing N N 95  
DC  "C2'" "H2''" sing N N 96  
DC  "C1'" N1     sing N N 97  
DC  "C1'" "H1'"  sing N N 98  
DC  N1    C2     sing N N 99  
DC  N1    C6     sing N N 100 
DC  C2    O2     doub N N 101 
DC  C2    N3     sing N N 102 
DC  N3    C4     doub N N 103 
DC  C4    N4     sing N N 104 
DC  C4    C5     sing N N 105 
DC  N4    H41    sing N N 106 
DC  N4    H42    sing N N 107 
DC  C5    C6     doub N N 108 
DC  C5    H5     sing N N 109 
DC  C6    H6     sing N N 110 
DG  OP3   P      sing N N 111 
DG  OP3   HOP3   sing N N 112 
DG  P     OP1    doub N N 113 
DG  P     OP2    sing N N 114 
DG  P     "O5'"  sing N N 115 
DG  OP2   HOP2   sing N N 116 
DG  "O5'" "C5'"  sing N N 117 
DG  "C5'" "C4'"  sing N N 118 
DG  "C5'" "H5'"  sing N N 119 
DG  "C5'" "H5''" sing N N 120 
DG  "C4'" "O4'"  sing N N 121 
DG  "C4'" "C3'"  sing N N 122 
DG  "C4'" "H4'"  sing N N 123 
DG  "O4'" "C1'"  sing N N 124 
DG  "C3'" "O3'"  sing N N 125 
DG  "C3'" "C2'"  sing N N 126 
DG  "C3'" "H3'"  sing N N 127 
DG  "O3'" "HO3'" sing N N 128 
DG  "C2'" "C1'"  sing N N 129 
DG  "C2'" "H2'"  sing N N 130 
DG  "C2'" "H2''" sing N N 131 
DG  "C1'" N9     sing N N 132 
DG  "C1'" "H1'"  sing N N 133 
DG  N9    C8     sing Y N 134 
DG  N9    C4     sing Y N 135 
DG  C8    N7     doub Y N 136 
DG  C8    H8     sing N N 137 
DG  N7    C5     sing Y N 138 
DG  C5    C6     sing N N 139 
DG  C5    C4     doub Y N 140 
DG  C6    O6     doub N N 141 
DG  C6    N1     sing N N 142 
DG  N1    C2     sing N N 143 
DG  N1    H1     sing N N 144 
DG  C2    N2     sing N N 145 
DG  C2    N3     doub N N 146 
DG  N2    H21    sing N N 147 
DG  N2    H22    sing N N 148 
DG  N3    C4     sing N N 149 
DT  OP3   P      sing N N 150 
DT  OP3   HOP3   sing N N 151 
DT  P     OP1    doub N N 152 
DT  P     OP2    sing N N 153 
DT  P     "O5'"  sing N N 154 
DT  OP2   HOP2   sing N N 155 
DT  "O5'" "C5'"  sing N N 156 
DT  "C5'" "C4'"  sing N N 157 
DT  "C5'" "H5'"  sing N N 158 
DT  "C5'" "H5''" sing N N 159 
DT  "C4'" "O4'"  sing N N 160 
DT  "C4'" "C3'"  sing N N 161 
DT  "C4'" "H4'"  sing N N 162 
DT  "O4'" "C1'"  sing N N 163 
DT  "C3'" "O3'"  sing N N 164 
DT  "C3'" "C2'"  sing N N 165 
DT  "C3'" "H3'"  sing N N 166 
DT  "O3'" "HO3'" sing N N 167 
DT  "C2'" "C1'"  sing N N 168 
DT  "C2'" "H2'"  sing N N 169 
DT  "C2'" "H2''" sing N N 170 
DT  "C1'" N1     sing N N 171 
DT  "C1'" "H1'"  sing N N 172 
DT  N1    C2     sing N N 173 
DT  N1    C6     sing N N 174 
DT  C2    O2     doub N N 175 
DT  C2    N3     sing N N 176 
DT  N3    C4     sing N N 177 
DT  N3    H3     sing N N 178 
DT  C4    O4     doub N N 179 
DT  C4    C5     sing N N 180 
DT  C5    C7     sing N N 181 
DT  C5    C6     doub N N 182 
DT  C7    H71    sing N N 183 
DT  C7    H72    sing N N 184 
DT  C7    H73    sing N N 185 
DT  C6    H6     sing N N 186 
# 
loop_
_ndb_struct_conf_na.entry_id 
_ndb_struct_conf_na.feature 
1AU6 'double helix' 
1AU6 'hairpin loop' 
# 
loop_
_ndb_struct_na_base_pair.model_number 
_ndb_struct_na_base_pair.i_label_asym_id 
_ndb_struct_na_base_pair.i_label_comp_id 
_ndb_struct_na_base_pair.i_label_seq_id 
_ndb_struct_na_base_pair.i_symmetry 
_ndb_struct_na_base_pair.j_label_asym_id 
_ndb_struct_na_base_pair.j_label_comp_id 
_ndb_struct_na_base_pair.j_label_seq_id 
_ndb_struct_na_base_pair.j_symmetry 
_ndb_struct_na_base_pair.shear 
_ndb_struct_na_base_pair.stretch 
_ndb_struct_na_base_pair.stagger 
_ndb_struct_na_base_pair.buckle 
_ndb_struct_na_base_pair.propeller 
_ndb_struct_na_base_pair.opening 
_ndb_struct_na_base_pair.pair_number 
_ndb_struct_na_base_pair.pair_name 
_ndb_struct_na_base_pair.i_auth_asym_id 
_ndb_struct_na_base_pair.i_auth_seq_id 
_ndb_struct_na_base_pair.i_PDB_ins_code 
_ndb_struct_na_base_pair.j_auth_asym_id 
_ndb_struct_na_base_pair.j_auth_seq_id 
_ndb_struct_na_base_pair.j_PDB_ins_code 
_ndb_struct_na_base_pair.hbond_type_28 
_ndb_struct_na_base_pair.hbond_type_12 
1 A DA 6 1_555 A DT 3 1_555 -0.401 -0.382 -0.848 -25.551 -7.312  6.401  1 A_DA6:DT3_A   A 6  ? A 3  ? 20 1 
1 A DT 7 1_555 A DA 2 1_555 -0.776 -0.196 -0.642 -1.867  -17.962 -1.323 2 A_DT7:DA2_A   A 7  ? A 2  ? 20 1 
1 A DG 8 1_555 A DC 1 1_555 -0.085 0.153  0.383  -5.324  -13.669 9.922  3 A_DG8:DC1_A   A 8  ? A 1  ? 19 1 
1 B DC 1 1_555 B DG 8 1_555 0.084  0.153  0.386  5.316   -13.707 9.912  4 B_DC9:DG16_B  B 9  ? B 16 ? 19 1 
1 B DA 2 1_555 B DT 7 1_555 0.776  -0.196 -0.642 1.853   -17.954 -1.329 5 B_DA10:DT15_B B 10 ? B 15 ? 20 1 
1 B DT 3 1_555 B DA 6 1_555 0.402  -0.382 -0.849 25.562  -7.305  6.412  6 B_DT11:DA14_B B 11 ? B 14 ? 20 1 
# 
loop_
_ndb_struct_na_base_pair_step.model_number 
_ndb_struct_na_base_pair_step.i_label_asym_id_1 
_ndb_struct_na_base_pair_step.i_label_comp_id_1 
_ndb_struct_na_base_pair_step.i_label_seq_id_1 
_ndb_struct_na_base_pair_step.i_symmetry_1 
_ndb_struct_na_base_pair_step.j_label_asym_id_1 
_ndb_struct_na_base_pair_step.j_label_comp_id_1 
_ndb_struct_na_base_pair_step.j_label_seq_id_1 
_ndb_struct_na_base_pair_step.j_symmetry_1 
_ndb_struct_na_base_pair_step.i_label_asym_id_2 
_ndb_struct_na_base_pair_step.i_label_comp_id_2 
_ndb_struct_na_base_pair_step.i_label_seq_id_2 
_ndb_struct_na_base_pair_step.i_symmetry_2 
_ndb_struct_na_base_pair_step.j_label_asym_id_2 
_ndb_struct_na_base_pair_step.j_label_comp_id_2 
_ndb_struct_na_base_pair_step.j_label_seq_id_2 
_ndb_struct_na_base_pair_step.j_symmetry_2 
_ndb_struct_na_base_pair_step.shift 
_ndb_struct_na_base_pair_step.slide 
_ndb_struct_na_base_pair_step.rise 
_ndb_struct_na_base_pair_step.tilt 
_ndb_struct_na_base_pair_step.roll 
_ndb_struct_na_base_pair_step.twist 
_ndb_struct_na_base_pair_step.x_displacement 
_ndb_struct_na_base_pair_step.y_displacement 
_ndb_struct_na_base_pair_step.helical_rise 
_ndb_struct_na_base_pair_step.inclination 
_ndb_struct_na_base_pair_step.tip 
_ndb_struct_na_base_pair_step.helical_twist 
_ndb_struct_na_base_pair_step.step_number 
_ndb_struct_na_base_pair_step.step_name 
_ndb_struct_na_base_pair_step.i_auth_asym_id_1 
_ndb_struct_na_base_pair_step.i_auth_seq_id_1 
_ndb_struct_na_base_pair_step.i_PDB_ins_code_1 
_ndb_struct_na_base_pair_step.j_auth_asym_id_1 
_ndb_struct_na_base_pair_step.j_auth_seq_id_1 
_ndb_struct_na_base_pair_step.j_PDB_ins_code_1 
_ndb_struct_na_base_pair_step.i_auth_asym_id_2 
_ndb_struct_na_base_pair_step.i_auth_seq_id_2 
_ndb_struct_na_base_pair_step.i_PDB_ins_code_2 
_ndb_struct_na_base_pair_step.j_auth_asym_id_2 
_ndb_struct_na_base_pair_step.j_auth_seq_id_2 
_ndb_struct_na_base_pair_step.j_PDB_ins_code_2 
1 A DA 6 1_555 A DT 3 1_555 A DT 7 1_555 A DA 2 1_555 -1.049 -0.458 2.453 1.229  -8.036  25.670 0.591  2.496  2.429 -17.535 -2.682 
26.905 1 AA_DA6DT7:DA2DT3_AA     A 6  ? A 3  ? A 7  ? A 2  ? 
1 A DT 7 1_555 A DA 2 1_555 A DG 8 1_555 A DC 1 1_555 0.754  -0.471 3.258 -2.504 8.297   25.229 -3.112 -2.267 2.872 18.320  5.529  
26.653 2 AA_DT7DG8:DC1DA2_AA     A 7  ? A 2  ? A 8  ? A 1  ? 
1 A DG 8 1_555 A DC 1 1_555 B DC 1 1_555 B DG 8 1_555 0.022  1.011  3.506 -0.523 -31.391 40.852 3.336  -0.061 2.242 -38.838 0.646  
51.110 3 AB_DG8DC9:DG16DC1_BA    A 8  ? A 1  ? B 9  ? B 16 ? 
1 B DC 1 1_555 B DG 8 1_555 B DA 2 1_555 B DT 7 1_555 -0.752 -0.472 3.257 2.525  8.345   25.240 -3.120 2.265  2.869 18.410  -5.570 
26.681 4 BB_DC9DA10:DT15DG16_BB  B 9  ? B 16 ? B 10 ? B 15 ? 
1 B DA 2 1_555 B DT 7 1_555 B DT 3 1_555 B DA 6 1_555 1.049  -0.458 2.452 -1.228 -8.040  25.668 0.591  -2.496 2.429 -17.544 2.679  
26.905 5 BB_DA10DT11:DA14DT15_BB B 10 ? B 15 ? B 11 ? B 14 ? 
# 
_pdbx_nmr_spectrometer.spectrometer_id   1 
_pdbx_nmr_spectrometer.model             VXR500 
_pdbx_nmr_spectrometer.manufacturer      Varian 
_pdbx_nmr_spectrometer.field_strength    500 
# 
_atom_sites.entry_id                    1AU6 
_atom_sites.fract_transf_matrix[1][1]   1.000000 
_atom_sites.fract_transf_matrix[1][2]   0.000000 
_atom_sites.fract_transf_matrix[1][3]   0.000000 
_atom_sites.fract_transf_matrix[2][1]   0.000000 
_atom_sites.fract_transf_matrix[2][2]   1.000000 
_atom_sites.fract_transf_matrix[2][3]   0.000000 
_atom_sites.fract_transf_matrix[3][1]   0.000000 
_atom_sites.fract_transf_matrix[3][2]   0.000000 
_atom_sites.fract_transf_matrix[3][3]   1.000000 
_atom_sites.fract_transf_vector[1]      0.00000 
_atom_sites.fract_transf_vector[2]      0.00000 
_atom_sites.fract_transf_vector[3]      0.00000 
# 
loop_
_atom_type.symbol 
C  
H  
N  
O  
P  
PT 
# 
loop_
_atom_site.group_PDB 
_atom_site.id 
_atom_site.type_symbol 
_atom_site.label_atom_id 
_atom_site.label_alt_id 
_atom_site.label_comp_id 
_atom_site.label_asym_id 
_atom_site.label_entity_id 
_atom_site.label_seq_id 
_atom_site.pdbx_PDB_ins_code 
_atom_site.Cartn_x 
_atom_site.Cartn_y 
_atom_site.Cartn_z 
_atom_site.occupancy 
_atom_site.B_iso_or_equiv 
_atom_site.pdbx_formal_charge 
_atom_site.auth_seq_id 
_atom_site.auth_comp_id 
_atom_site.auth_asym_id 
_atom_site.auth_atom_id 
_atom_site.pdbx_PDB_model_num 
ATOM   1   O  "O5'"  . DC  A 1 1 ? 1.113   4.195   6.947   1.00 0.00 ? 1  DC  A "O5'"  1 
ATOM   2   C  "C5'"  . DC  A 1 1 ? 0.026   3.379   6.504   1.00 0.00 ? 1  DC  A "C5'"  1 
ATOM   3   C  "C4'"  . DC  A 1 1 ? 0.497   2.146   5.760   1.00 0.00 ? 1  DC  A "C4'"  1 
ATOM   4   O  "O4'"  . DC  A 1 1 ? 1.076   2.337   4.461   1.00 0.00 ? 1  DC  A "O4'"  1 
ATOM   5   C  "C3'"  . DC  A 1 1 ? 1.507   1.439   6.600   1.00 0.00 ? 1  DC  A "C3'"  1 
ATOM   6   O  "O3'"  . DC  A 1 1 ? 0.961   0.635   7.639   1.00 0.00 ? 1  DC  A "O3'"  1 
ATOM   7   C  "C2'"  . DC  A 1 1 ? 2.427   0.813   5.556   1.00 0.00 ? 1  DC  A "C2'"  1 
ATOM   8   C  "C1'"  . DC  A 1 1 ? 1.784   1.109   4.176   1.00 0.00 ? 1  DC  A "C1'"  1 
ATOM   9   N  N1     . DC  A 1 1 ? 2.707   1.401   3.044   1.00 0.00 ? 1  DC  A N1     1 
ATOM   10  C  C2     . DC  A 1 1 ? 2.352   0.915   1.808   1.00 0.00 ? 1  DC  A C2     1 
ATOM   11  O  O2     . DC  A 1 1 ? 1.370   0.197   1.709   1.00 0.00 ? 1  DC  A O2     1 
ATOM   12  N  N3     . DC  A 1 1 ? 3.111   1.214   0.722   1.00 0.00 ? 1  DC  A N3     1 
ATOM   13  C  C4     . DC  A 1 1 ? 4.231   1.937   0.842   1.00 0.00 ? 1  DC  A C4     1 
ATOM   14  N  N4     . DC  A 1 1 ? 4.926   2.241   -0.254  1.00 0.00 ? 1  DC  A N4     1 
ATOM   15  C  C5     . DC  A 1 1 ? 4.669   2.403   2.125   1.00 0.00 ? 1  DC  A C5     1 
ATOM   16  C  C6     . DC  A 1 1 ? 3.838   2.132   3.196   1.00 0.00 ? 1  DC  A C6     1 
ATOM   17  H  "H5'"  . DC  A 1 1 ? -0.636  3.929   5.849   1.00 0.00 ? 1  DC  A "H5'"  1 
ATOM   18  H  "H5''" . DC  A 1 1 ? -0.486  3.016   7.395   1.00 0.00 ? 1  DC  A "H5''" 1 
ATOM   19  H  "H4'"  . DC  A 1 1 ? -0.324  1.478   5.665   1.00 0.00 ? 1  DC  A "H4'"  1 
ATOM   20  H  "H3'"  . DC  A 1 1 ? 1.971   2.263   7.101   1.00 0.00 ? 1  DC  A "H3'"  1 
ATOM   21  H  "H2'"  . DC  A 1 1 ? 3.332   1.377   5.703   1.00 0.00 ? 1  DC  A "H2'"  1 
ATOM   22  H  "H2''" . DC  A 1 1 ? 2.718   -0.215  5.742   1.00 0.00 ? 1  DC  A "H2''" 1 
ATOM   23  H  "H1'"  . DC  A 1 1 ? 1.137   0.283   3.808   1.00 0.00 ? 1  DC  A "H1'"  1 
ATOM   24  H  H41    . DC  A 1 1 ? 4.596   1.950   -1.165  1.00 0.00 ? 1  DC  A H41    1 
ATOM   25  H  H42    . DC  A 1 1 ? 5.781   2.775   -0.176  1.00 0.00 ? 1  DC  A H42    1 
ATOM   26  H  H5     . DC  A 1 1 ? 5.605   2.909   2.287   1.00 0.00 ? 1  DC  A H5     1 
ATOM   27  H  H6     . DC  A 1 1 ? 4.042   2.514   4.162   1.00 0.00 ? 1  DC  A H6     1 
ATOM   28  H  "HO5'" . DC  A 1 1 ? 1.807   4.130   6.280   1.00 0.00 ? 1  DC  A "HO5'" 1 
ATOM   29  P  P      . DA  A 1 2 ? 1.843   -0.404  8.491   1.00 0.00 ? 2  DA  A P      1 
ATOM   30  O  OP1    . DA  A 1 2 ? 0.971   -0.979  9.539   1.00 0.00 ? 2  DA  A OP1    1 
ATOM   31  O  OP2    . DA  A 1 2 ? 3.152   0.198   8.827   1.00 0.00 ? 2  DA  A OP2    1 
ATOM   32  O  "O5'"  . DA  A 1 2 ? 2.049   -1.544  7.369   1.00 0.00 ? 2  DA  A "O5'"  1 
ATOM   33  C  "C5'"  . DA  A 1 2 ? 0.857   -2.086  6.777   1.00 0.00 ? 2  DA  A "C5'"  1 
ATOM   34  C  "C4'"  . DA  A 1 2 ? 1.068   -2.677  5.390   1.00 0.00 ? 2  DA  A "C4'"  1 
ATOM   35  O  "O4'"  . DA  A 1 2 ? 1.579   -1.913  4.289   1.00 0.00 ? 2  DA  A "O4'"  1 
ATOM   36  C  "C3'"  . DA  A 1 2 ? 1.690   -4.000  5.366   1.00 0.00 ? 2  DA  A "C3'"  1 
ATOM   37  O  "O3'"  . DA  A 1 2 ? 0.678   -5.003  5.154   1.00 0.00 ? 2  DA  A "O3'"  1 
ATOM   38  C  "C2'"  . DA  A 1 2 ? 2.785   -3.872  4.383   1.00 0.00 ? 2  DA  A "C2'"  1 
ATOM   39  C  "C1'"  . DA  A 1 2 ? 2.232   -2.874  3.439   1.00 0.00 ? 2  DA  A "C1'"  1 
ATOM   40  N  N9     . DA  A 1 2 ? 3.260   -2.245  2.664   1.00 0.00 ? 2  DA  A N9     1 
ATOM   41  C  C8     . DA  A 1 2 ? 4.258   -1.498  3.114   1.00 0.00 ? 2  DA  A C8     1 
ATOM   42  N  N7     . DA  A 1 2 ? 5.015   -0.964  2.193   1.00 0.00 ? 2  DA  A N7     1 
ATOM   43  C  C5     . DA  A 1 2 ? 4.446   -1.474  1.024   1.00 0.00 ? 2  DA  A C5     1 
ATOM   44  C  C6     . DA  A 1 2 ? 4.748   -1.337  -0.336  1.00 0.00 ? 2  DA  A C6     1 
ATOM   45  N  N6     . DA  A 1 2 ? 5.722   -0.575  -0.818  1.00 0.00 ? 2  DA  A N6     1 
ATOM   46  N  N1     . DA  A 1 2 ? 3.988   -2.030  -1.194  1.00 0.00 ? 2  DA  A N1     1 
ATOM   47  C  C2     . DA  A 1 2 ? 3.008   -2.793  -0.737  1.00 0.00 ? 2  DA  A C2     1 
ATOM   48  N  N3     . DA  A 1 2 ? 2.598   -2.970  0.494   1.00 0.00 ? 2  DA  A N3     1 
ATOM   49  C  C4     . DA  A 1 2 ? 3.384   -2.275  1.328   1.00 0.00 ? 2  DA  A C4     1 
ATOM   50  H  "H5'"  . DA  A 1 2 ? 0.125   -1.300  6.669   1.00 0.00 ? 2  DA  A "H5'"  1 
ATOM   51  H  "H5''" . DA  A 1 2 ? 0.376   -2.832  7.423   1.00 0.00 ? 2  DA  A "H5''" 1 
ATOM   52  H  "H4'"  . DA  A 1 2 ? 0.146   -3.042  5.079   1.00 0.00 ? 2  DA  A "H4'"  1 
ATOM   53  H  "H3'"  . DA  A 1 2 ? 2.152   -4.159  6.297   1.00 0.00 ? 2  DA  A "H3'"  1 
ATOM   54  H  "H2'"  . DA  A 1 2 ? 3.645   -3.496  4.924   1.00 0.00 ? 2  DA  A "H2'"  1 
ATOM   55  H  "H2''" . DA  A 1 2 ? 3.047   -4.794  3.865   1.00 0.00 ? 2  DA  A "H2''" 1 
ATOM   56  H  "H1'"  . DA  A 1 2 ? 1.637   -3.411  2.727   1.00 0.00 ? 2  DA  A "H1'"  1 
ATOM   57  H  H8     . DA  A 1 2 ? 4.263   -1.501  4.195   1.00 0.00 ? 2  DA  A H8     1 
ATOM   58  H  H61    . DA  A 1 2 ? 5.865   -0.587  -1.821  1.00 0.00 ? 2  DA  A H61    1 
ATOM   59  H  H62    . DA  A 1 2 ? 6.308   -0.018  -0.213  1.00 0.00 ? 2  DA  A H62    1 
ATOM   60  H  H2     . DA  A 1 2 ? 2.456   -3.392  -1.441  1.00 0.00 ? 2  DA  A H2     1 
ATOM   61  P  P      . DT  A 1 3 ? 0.689   -6.211  6.200   1.00 0.00 ? 3  DT  A P      1 
ATOM   62  O  OP1    . DT  A 1 3 ? -0.117  -7.341  5.693   1.00 0.00 ? 3  DT  A OP1    1 
ATOM   63  O  OP2    . DT  A 1 3 ? 0.487   -5.687  7.568   1.00 0.00 ? 3  DT  A OP2    1 
ATOM   64  O  "O5'"  . DT  A 1 3 ? 2.236   -6.476  5.945   1.00 0.00 ? 3  DT  A "O5'"  1 
ATOM   65  C  "C5'"  . DT  A 1 3 ? 2.695   -7.432  5.029   1.00 0.00 ? 3  DT  A "C5'"  1 
ATOM   66  C  "C4'"  . DT  A 1 3 ? 2.542   -7.280  3.514   1.00 0.00 ? 3  DT  A "C4'"  1 
ATOM   67  O  "O4'"  . DT  A 1 3 ? 2.944   -6.036  2.926   1.00 0.00 ? 3  DT  A "O4'"  1 
ATOM   68  C  "C3'"  . DT  A 1 3 ? 3.239   -8.363  2.713   1.00 0.00 ? 3  DT  A "C3'"  1 
ATOM   69  O  "O3'"  . DT  A 1 3 ? 2.263   -9.052  1.932   1.00 0.00 ? 3  DT  A "O3'"  1 
ATOM   70  C  "C2'"  . DT  A 1 3 ? 4.307   -7.603  1.967   1.00 0.00 ? 3  DT  A "C2'"  1 
ATOM   71  C  "C1'"  . DT  A 1 3 ? 3.656   -6.295  1.710   1.00 0.00 ? 3  DT  A "C1'"  1 
ATOM   72  N  N1     . DT  A 1 3 ? 4.731   -5.306  1.451   1.00 0.00 ? 3  DT  A N1     1 
ATOM   73  C  C2     . DT  A 1 3 ? 5.007   -4.798  0.204   1.00 0.00 ? 3  DT  A C2     1 
ATOM   74  O  O2     . DT  A 1 3 ? 4.387   -5.123  -0.806  1.00 0.00 ? 3  DT  A O2     1 
ATOM   75  N  N3     . DT  A 1 3 ? 6.049   -3.888  0.175   1.00 0.00 ? 3  DT  A N3     1 
ATOM   76  C  C4     . DT  A 1 3 ? 6.805   -3.431  1.253   1.00 0.00 ? 3  DT  A C4     1 
ATOM   77  O  O4     . DT  A 1 3 ? 7.701   -2.606  1.094   1.00 0.00 ? 3  DT  A O4     1 
ATOM   78  C  C5     . DT  A 1 3 ? 6.411   -4.026  2.507   1.00 0.00 ? 3  DT  A C5     1 
ATOM   79  C  C7     . DT  A 1 3 ? 7.028   -3.656  3.865   1.00 0.00 ? 3  DT  A C7     1 
ATOM   80  C  C6     . DT  A 1 3 ? 5.442   -4.925  2.518   1.00 0.00 ? 3  DT  A C6     1 
ATOM   81  H  "H5'"  . DT  A 1 3 ? 2.054   -8.201  5.382   1.00 0.00 ? 3  DT  A "H5'"  1 
ATOM   82  H  "H5''" . DT  A 1 3 ? 3.713   -7.544  5.274   1.00 0.00 ? 3  DT  A "H5''" 1 
ATOM   83  H  "H4'"  . DT  A 1 3 ? 1.526   -7.517  3.253   1.00 0.00 ? 3  DT  A "H4'"  1 
ATOM   84  H  "H3'"  . DT  A 1 3 ? 3.742   -9.081  3.318   1.00 0.00 ? 3  DT  A "H3'"  1 
ATOM   85  H  "H2'"  . DT  A 1 3 ? 5.207   -7.476  2.584   1.00 0.00 ? 3  DT  A "H2'"  1 
ATOM   86  H  "H2''" . DT  A 1 3 ? 4.602   -7.987  1.005   1.00 0.00 ? 3  DT  A "H2''" 1 
ATOM   87  H  "H1'"  . DT  A 1 3 ? 2.907   -6.461  0.975   1.00 0.00 ? 3  DT  A "H1'"  1 
ATOM   88  H  H3     . DT  A 1 3 ? 6.283   -3.533  -0.742  1.00 0.00 ? 3  DT  A H3     1 
ATOM   89  H  H71    . DT  A 1 3 ? 6.232   -3.288  4.521   1.00 0.00 ? 3  DT  A H71    1 
ATOM   90  H  H72    . DT  A 1 3 ? 7.787   -2.884  3.775   1.00 0.00 ? 3  DT  A H72    1 
ATOM   91  H  H73    . DT  A 1 3 ? 7.442   -4.547  4.342   1.00 0.00 ? 3  DT  A H73    1 
ATOM   92  H  H6     . DT  A 1 3 ? 5.150   -5.460  3.359   1.00 0.00 ? 3  DT  A H6     1 
ATOM   93  P  P      . DG  A 1 4 ? 2.617   -10.491 1.317   1.00 0.00 ? 4  DG  A P      1 
ATOM   94  O  OP1    . DG  A 1 4 ? 1.377   -11.108 0.792   1.00 0.00 ? 4  DG  A OP1    1 
ATOM   95  O  OP2    . DG  A 1 4 ? 3.446   -11.231 2.291   1.00 0.00 ? 4  DG  A OP2    1 
ATOM   96  O  "O5'"  . DG  A 1 4 ? 3.554   -10.012 0.095   1.00 0.00 ? 4  DG  A "O5'"  1 
ATOM   97  C  "C5'"  . DG  A 1 4 ? 3.766   -10.899 -0.993  1.00 0.00 ? 4  DG  A "C5'"  1 
ATOM   98  C  "C4'"  . DG  A 1 4 ? 2.910   -10.561 -2.235  1.00 0.00 ? 4  DG  A "C4'"  1 
ATOM   99  O  "O4'"  . DG  A 1 4 ? 1.611   -10.211 -1.746  1.00 0.00 ? 4  DG  A "O4'"  1 
ATOM   100 C  "C3'"  . DG  A 1 4 ? 3.404   -9.308  -2.957  1.00 0.00 ? 4  DG  A "C3'"  1 
ATOM   101 O  "O3'"  . DG  A 1 4 ? 4.175   -9.720  -4.120  1.00 0.00 ? 4  DG  A "O3'"  1 
ATOM   102 C  "C2'"  . DG  A 1 4 ? 2.091   -8.605  -3.324  1.00 0.00 ? 4  DG  A "C2'"  1 
ATOM   103 C  "C1'"  . DG  A 1 4 ? 1.108   -8.976  -2.297  1.00 0.00 ? 4  DG  A "C1'"  1 
ATOM   104 N  N9     . DG  A 1 4 ? 0.837   -8.006  -1.258  1.00 0.00 ? 4  DG  A N9     1 
ATOM   105 C  C8     . DG  A 1 4 ? 0.286   -8.208  -0.075  1.00 0.00 ? 4  DG  A C8     1 
ATOM   106 N  N7     . DG  A 1 4 ? -0.205  -7.172  0.534   1.00 0.00 ? 4  DG  A N7     1 
ATOM   107 C  C5     . DG  A 1 4 ? 0.123   -6.140  -0.340  1.00 0.00 ? 4  DG  A C5     1 
ATOM   108 C  C6     . DG  A 1 4 ? -0.141  -4.733  -0.291  1.00 0.00 ? 4  DG  A C6     1 
ATOM   109 O  O6     . DG  A 1 4 ? -0.694  -4.055  0.579   1.00 0.00 ? 4  DG  A O6     1 
ATOM   110 N  N1     . DG  A 1 4 ? 0.321   -4.127  -1.432  1.00 0.00 ? 4  DG  A N1     1 
ATOM   111 C  C2     . DG  A 1 4 ? 1.000   -4.769  -2.437  1.00 0.00 ? 4  DG  A C2     1 
ATOM   112 N  N2     . DG  A 1 4 ? 1.382   -4.016  -3.417  1.00 0.00 ? 4  DG  A N2     1 
ATOM   113 N  N3     . DG  A 1 4 ? 1.290   -6.040  -2.486  1.00 0.00 ? 4  DG  A N3     1 
ATOM   114 C  C4     . DG  A 1 4 ? 0.808   -6.662  -1.407  1.00 0.00 ? 4  DG  A C4     1 
ATOM   115 H  "H5'"  . DG  A 1 4 ? 3.591   -11.898 -0.591  1.00 0.00 ? 4  DG  A "H5'"  1 
ATOM   116 H  "H5''" . DG  A 1 4 ? 4.805   -10.783 -1.248  1.00 0.00 ? 4  DG  A "H5''" 1 
ATOM   117 H  "H4'"  . DG  A 1 4 ? 2.838   -11.412 -2.920  1.00 0.00 ? 4  DG  A "H4'"  1 
ATOM   118 H  "H3'"  . DG  A 1 4 ? 3.913   -8.724  -2.200  1.00 0.00 ? 4  DG  A "H3'"  1 
ATOM   119 H  "H2'"  . DG  A 1 4 ? 2.075   -7.524  -3.278  1.00 0.00 ? 4  DG  A "H2'"  1 
ATOM   120 H  "H2''" . DG  A 1 4 ? 1.643   -8.972  -4.215  1.00 0.00 ? 4  DG  A "H2''" 1 
ATOM   121 H  "H1'"  . DG  A 1 4 ? 0.191   -9.514  -2.466  1.00 0.00 ? 4  DG  A "H1'"  1 
ATOM   122 H  H8     . DG  A 1 4 ? 0.391   -9.243  0.172   1.00 0.00 ? 4  DG  A H8     1 
ATOM   123 H  H1     . DG  A 1 4 ? 0.147   -3.140  -1.549  1.00 0.00 ? 4  DG  A H1     1 
ATOM   124 H  H21    . DG  A 1 4 ? 1.187   -3.035  -3.340  1.00 0.00 ? 4  DG  A H21    1 
ATOM   125 H  H22    . DG  A 1 4 ? 1.874   -4.407  -4.208  1.00 0.00 ? 4  DG  A H22    1 
ATOM   126 P  P      . DC  A 1 5 ? 5.330   -8.879  -4.915  1.00 0.00 ? 5  DC  A P      1 
ATOM   127 O  OP1    . DC  A 1 5 ? 5.334   -7.507  -4.365  1.00 0.00 ? 5  DC  A OP1    1 
ATOM   128 O  OP2    . DC  A 1 5 ? 5.147   -9.092  -6.367  1.00 0.00 ? 5  DC  A OP2    1 
ATOM   129 O  "O5'"  . DC  A 1 5 ? 6.725   -9.617  -4.491  1.00 0.00 ? 5  DC  A "O5'"  1 
ATOM   130 C  "C5'"  . DC  A 1 5 ? 8.042   -9.423  -5.071  1.00 0.00 ? 5  DC  A "C5'"  1 
ATOM   131 C  "C4'"  . DC  A 1 5 ? 8.555   -7.939  -4.706  1.00 0.00 ? 5  DC  A "C4'"  1 
ATOM   132 O  "O4'"  . DC  A 1 5 ? 8.276   -7.560  -3.338  1.00 0.00 ? 5  DC  A "O4'"  1 
ATOM   133 C  "C3'"  . DC  A 1 5 ? 10.040  -7.459  -4.937  1.00 0.00 ? 5  DC  A "C3'"  1 
ATOM   134 O  "O3'"  . DC  A 1 5 ? 10.190  -6.258  -5.676  1.00 0.00 ? 5  DC  A "O3'"  1 
ATOM   135 C  "C2'"  . DC  A 1 5 ? 10.564  -7.162  -3.512  1.00 0.00 ? 5  DC  A "C2'"  1 
ATOM   136 C  "C1'"  . DC  A 1 5 ? 9.281   -6.694  -2.748  1.00 0.00 ? 5  DC  A "C1'"  1 
ATOM   137 N  N1     . DC  A 1 5 ? 9.225   -6.957  -1.242  1.00 0.00 ? 5  DC  A N1     1 
ATOM   138 C  C2     . DC  A 1 5 ? 9.486   -5.936  -0.333  1.00 0.00 ? 5  DC  A C2     1 
ATOM   139 O  O2     . DC  A 1 5 ? 9.837   -4.824  -0.716  1.00 0.00 ? 5  DC  A O2     1 
ATOM   140 N  N3     . DC  A 1 5 ? 9.352   -6.210  1.001   1.00 0.00 ? 5  DC  A N3     1 
ATOM   141 C  C4     . DC  A 1 5 ? 8.989   -7.416  1.477   1.00 0.00 ? 5  DC  A C4     1 
ATOM   142 N  N4     . DC  A 1 5 ? 8.866   -7.579  2.796   1.00 0.00 ? 5  DC  A N4     1 
ATOM   143 C  C5     . DC  A 1 5 ? 8.731   -8.509  0.582   1.00 0.00 ? 5  DC  A C5     1 
ATOM   144 C  C6     . DC  A 1 5 ? 8.877   -8.203  -0.768  1.00 0.00 ? 5  DC  A C6     1 
ATOM   145 H  "H5'"  . DC  A 1 5 ? 7.918   -9.603  -6.171  1.00 0.00 ? 5  DC  A "H5'"  1 
ATOM   146 H  "H5''" . DC  A 1 5 ? 8.631   -10.286 -4.662  1.00 0.00 ? 5  DC  A "H5''" 1 
ATOM   147 H  "H4'"  . DC  A 1 5 ? 7.900   -7.285  -5.289  1.00 0.00 ? 5  DC  A "H4'"  1 
ATOM   148 H  "H3'"  . DC  A 1 5 ? 10.617  -8.118  -5.575  1.00 0.00 ? 5  DC  A "H3'"  1 
ATOM   149 H  "H2'"  . DC  A 1 5 ? 10.982  -8.134  -3.199  1.00 0.00 ? 5  DC  A "H2'"  1 
ATOM   150 H  "H2''" . DC  A 1 5 ? 11.343  -6.359  -3.473  1.00 0.00 ? 5  DC  A "H2''" 1 
ATOM   151 H  "H1'"  . DC  A 1 5 ? 9.047   -5.628  -3.017  1.00 0.00 ? 5  DC  A "H1'"  1 
ATOM   152 H  H41    . DC  A 1 5 ? 9.076   -6.811  3.419   1.00 0.00 ? 5  DC  A H41    1 
ATOM   153 H  H42    . DC  A 1 5 ? 8.556   -8.462  3.173   1.00 0.00 ? 5  DC  A H42    1 
ATOM   154 H  H5     . DC  A 1 5 ? 8.434   -9.516  0.933   1.00 0.00 ? 5  DC  A H5     1 
ATOM   155 H  H6     . DC  A 1 5 ? 8.732   -8.933  -1.496  1.00 0.00 ? 5  DC  A H6     1 
ATOM   156 P  P      . DA  A 1 6 ? 11.577  -5.831  -6.398  1.00 0.00 ? 6  DA  A P      1 
ATOM   157 O  OP1    . DA  A 1 6 ? 12.325  -7.046  -6.798  1.00 0.00 ? 6  DA  A OP1    1 
ATOM   158 O  OP2    . DA  A 1 6 ? 12.239  -4.798  -5.570  1.00 0.00 ? 6  DA  A OP2    1 
ATOM   159 O  "O5'"  . DA  A 1 6 ? 10.967  -5.118  -7.708  1.00 0.00 ? 6  DA  A "O5'"  1 
ATOM   160 C  "C5'"  . DA  A 1 6 ? 10.402  -5.977  -8.696  1.00 0.00 ? 6  DA  A "C5'"  1 
ATOM   161 C  "C4'"  . DA  A 1 6 ? 8.888   -6.009  -8.801  1.00 0.00 ? 6  DA  A "C4'"  1 
ATOM   162 O  "O4'"  . DA  A 1 6 ? 8.349   -6.165  -7.490  1.00 0.00 ? 6  DA  A "O4'"  1 
ATOM   163 C  "C3'"  . DA  A 1 6 ? 8.217   -4.860  -9.513  1.00 0.00 ? 6  DA  A "C3'"  1 
ATOM   164 O  "O3'"  . DA  A 1 6 ? 6.935   -5.139  -10.099 1.00 0.00 ? 6  DA  A "O3'"  1 
ATOM   165 C  "C2'"  . DA  A 1 6 ? 8.123   -3.996  -8.335  1.00 0.00 ? 6  DA  A "C2'"  1 
ATOM   166 C  "C1'"  . DA  A 1 6 ? 7.898   -4.870  -7.126  1.00 0.00 ? 6  DA  A "C1'"  1 
ATOM   167 N  N9     . DA  A 1 6 ? 8.418   -4.276  -5.887  1.00 0.00 ? 6  DA  A N9     1 
ATOM   168 C  C8     . DA  A 1 6 ? 9.507   -3.538  -5.675  1.00 0.00 ? 6  DA  A C8     1 
ATOM   169 N  N7     . DA  A 1 6 ? 9.617   -2.960  -4.515  1.00 0.00 ? 6  DA  A N7     1 
ATOM   170 C  C5     . DA  A 1 6 ? 8.513   -3.484  -3.862  1.00 0.00 ? 6  DA  A C5     1 
ATOM   171 C  C6     . DA  A 1 6 ? 8.021   -3.345  -2.566  1.00 0.00 ? 6  DA  A C6     1 
ATOM   172 N  N6     . DA  A 1 6 ? 8.574   -2.554  -1.642  1.00 0.00 ? 6  DA  A N6     1 
ATOM   173 N  N1     . DA  A 1 6 ? 6.921   -4.060  -2.281  1.00 0.00 ? 6  DA  A N1     1 
ATOM   174 C  C2     . DA  A 1 6 ? 6.371   -4.842  -3.205  1.00 0.00 ? 6  DA  A C2     1 
ATOM   175 N  N3     . DA  A 1 6 ? 6.731   -5.033  -4.440  1.00 0.00 ? 6  DA  A N3     1 
ATOM   176 C  C4     . DA  A 1 6 ? 7.818   -4.315  -4.696  1.00 0.00 ? 6  DA  A C4     1 
ATOM   177 H  "H5'"  . DA  A 1 6 ? 10.679  -6.975  -8.452  1.00 0.00 ? 6  DA  A "H5'"  1 
ATOM   178 H  "H5''" . DA  A 1 6 ? 10.869  -5.751  -9.618  1.00 0.00 ? 6  DA  A "H5''" 1 
ATOM   179 H  "H4'"  . DA  A 1 6 ? 8.508   -6.817  -9.369  1.00 0.00 ? 6  DA  A "H4'"  1 
ATOM   180 H  "H3'"  . DA  A 1 6 ? 8.828   -4.477  -10.327 1.00 0.00 ? 6  DA  A "H3'"  1 
ATOM   181 H  "H2'"  . DA  A 1 6 ? 9.093   -3.561  -8.272  1.00 0.00 ? 6  DA  A "H2'"  1 
ATOM   182 H  "H2''" . DA  A 1 6 ? 7.334   -3.305  -8.471  1.00 0.00 ? 6  DA  A "H2''" 1 
ATOM   183 H  "H1'"  . DA  A 1 6 ? 6.870   -4.905  -6.900  1.00 0.00 ? 6  DA  A "H1'"  1 
ATOM   184 H  H8     . DA  A 1 6 ? 10.182  -3.581  -6.489  1.00 0.00 ? 6  DA  A H8     1 
ATOM   185 H  H61    . DA  A 1 6 ? 8.248   -2.588  -0.686  1.00 0.00 ? 6  DA  A H61    1 
ATOM   186 H  H62    . DA  A 1 6 ? 9.340   -1.939  -1.877  1.00 0.00 ? 6  DA  A H62    1 
ATOM   187 H  H2     . DA  A 1 6 ? 5.498   -5.452  -3.036  1.00 0.00 ? 6  DA  A H2     1 
ATOM   188 P  P      . DT  A 1 7 ? 6.607   -6.419  -11.055 1.00 0.00 ? 7  DT  A P      1 
ATOM   189 O  OP1    . DT  A 1 7 ? 7.715   -7.399  -10.940 1.00 0.00 ? 7  DT  A OP1    1 
ATOM   190 O  OP2    . DT  A 1 7 ? 6.201   -5.910  -12.383 1.00 0.00 ? 7  DT  A OP2    1 
ATOM   191 O  "O5'"  . DT  A 1 7 ? 5.292   -7.031  -10.322 1.00 0.00 ? 7  DT  A "O5'"  1 
ATOM   192 C  "C5'"  . DT  A 1 7 ? 5.249   -6.855  -8.902  1.00 0.00 ? 7  DT  A "C5'"  1 
ATOM   193 C  "C4'"  . DT  A 1 7 ? 3.914   -6.747  -8.230  1.00 0.00 ? 7  DT  A "C4'"  1 
ATOM   194 O  "O4'"  . DT  A 1 7 ? 4.342   -6.084  -7.030  1.00 0.00 ? 7  DT  A "O4'"  1 
ATOM   195 C  "C3'"  . DT  A 1 7 ? 2.958   -5.825  -8.964  1.00 0.00 ? 7  DT  A "C3'"  1 
ATOM   196 O  "O3'"  . DT  A 1 7 ? 1.647   -6.375  -9.237  1.00 0.00 ? 7  DT  A "O3'"  1 
ATOM   197 C  "C2'"  . DT  A 1 7 ? 3.042   -4.529  -8.193  1.00 0.00 ? 7  DT  A "C2'"  1 
ATOM   198 C  "C1'"  . DT  A 1 7 ? 3.540   -4.924  -6.835  1.00 0.00 ? 7  DT  A "C1'"  1 
ATOM   199 N  N1     . DT  A 1 7 ? 4.208   -3.863  -6.028  1.00 0.00 ? 7  DT  A N1     1 
ATOM   200 C  C2     . DT  A 1 7 ? 4.024   -3.961  -4.674  1.00 0.00 ? 7  DT  A C2     1 
ATOM   201 O  O2     . DT  A 1 7 ? 3.479   -4.933  -4.162  1.00 0.00 ? 7  DT  A O2     1 
ATOM   202 N  N3     . DT  A 1 7 ? 4.552   -2.944  -3.903  1.00 0.00 ? 7  DT  A N3     1 
ATOM   203 C  C4     . DT  A 1 7 ? 5.322   -1.896  -4.353  1.00 0.00 ? 7  DT  A C4     1 
ATOM   204 O  O4     . DT  A 1 7 ? 5.739   -1.046  -3.570  1.00 0.00 ? 7  DT  A O4     1 
ATOM   205 C  C5     . DT  A 1 7 ? 5.553   -1.912  -5.774  1.00 0.00 ? 7  DT  A C5     1 
ATOM   206 C  C7     . DT  A 1 7 ? 6.550   -0.909  -6.382  1.00 0.00 ? 7  DT  A C7     1 
ATOM   207 C  C6     . DT  A 1 7 ? 4.959   -2.841  -6.553  1.00 0.00 ? 7  DT  A C6     1 
ATOM   208 H  "H5'"  . DT  A 1 7 ? 5.691   -5.881  -8.701  1.00 0.00 ? 7  DT  A "H5'"  1 
ATOM   209 H  "H5''" . DT  A 1 7 ? 5.780   -7.633  -8.383  1.00 0.00 ? 7  DT  A "H5''" 1 
ATOM   210 H  "H4'"  . DT  A 1 7 ? 3.392   -7.674  -7.982  1.00 0.00 ? 7  DT  A "H4'"  1 
ATOM   211 H  "H3'"  . DT  A 1 7 ? 3.427   -5.651  -9.918  1.00 0.00 ? 7  DT  A "H3'"  1 
ATOM   212 H  "H2'"  . DT  A 1 7 ? 3.759   -3.858  -8.635  1.00 0.00 ? 7  DT  A "H2'"  1 
ATOM   213 H  "H2''" . DT  A 1 7 ? 2.113   -3.994  -8.161  1.00 0.00 ? 7  DT  A "H2''" 1 
ATOM   214 H  "H1'"  . DT  A 1 7 ? 2.693   -5.278  -6.290  1.00 0.00 ? 7  DT  A "H1'"  1 
ATOM   215 H  H3     . DT  A 1 7 ? 4.362   -2.947  -2.913  1.00 0.00 ? 7  DT  A H3     1 
ATOM   216 H  H71    . DT  A 1 7 ? 7.401   -1.468  -6.781  1.00 0.00 ? 7  DT  A H71    1 
ATOM   217 H  H72    . DT  A 1 7 ? 6.948   -0.249  -5.610  1.00 0.00 ? 7  DT  A H72    1 
ATOM   218 H  H73    . DT  A 1 7 ? 6.107   -0.326  -7.186  1.00 0.00 ? 7  DT  A H73    1 
ATOM   219 H  H6     . DT  A 1 7 ? 5.061   -2.747  -7.604  1.00 0.00 ? 7  DT  A H6     1 
ATOM   220 P  P      . DG  A 1 8 ? 0.854   -7.537  -8.419  1.00 0.00 ? 8  DG  A P      1 
ATOM   221 O  OP1    . DG  A 1 8 ? 1.830   -8.577  -8.025  1.00 0.00 ? 8  DG  A OP1    1 
ATOM   222 O  OP2    . DG  A 1 8 ? -0.343  -7.916  -9.207  1.00 0.00 ? 8  DG  A OP2    1 
ATOM   223 O  "O5'"  . DG  A 1 8 ? 0.397   -6.732  -7.133  1.00 0.00 ? 8  DG  A "O5'"  1 
ATOM   224 C  "C5'"  . DG  A 1 8 ? -0.621  -5.766  -7.330  1.00 0.00 ? 8  DG  A "C5'"  1 
ATOM   225 C  "C4'"  . DG  A 1 8 ? -0.830  -4.976  -6.097  1.00 0.00 ? 8  DG  A "C4'"  1 
ATOM   226 O  "O4'"  . DG  A 1 8 ? 0.343   -4.225  -5.727  1.00 0.00 ? 8  DG  A "O4'"  1 
ATOM   227 C  "C3'"  . DG  A 1 8 ? -1.941  -3.946  -6.279  1.00 0.00 ? 8  DG  A "C3'"  1 
ATOM   228 O  "O3'"  . DG  A 1 8 ? -2.862  -3.914  -5.186  1.00 0.00 ? 8  DG  A "O3'"  1 
ATOM   229 C  "C2'"  . DG  A 1 8 ? -1.104  -2.727  -6.411  1.00 0.00 ? 8  DG  A "C2'"  1 
ATOM   230 C  "C1'"  . DG  A 1 8 ? -0.160  -2.952  -5.296  1.00 0.00 ? 8  DG  A "C1'"  1 
ATOM   231 N  N9     . DG  A 1 8 ? 0.810   -1.848  -5.114  1.00 0.00 ? 8  DG  A N9     1 
ATOM   232 C  C8     . DG  A 1 8 ? 1.558   -1.267  -6.067  1.00 0.00 ? 8  DG  A C8     1 
ATOM   233 N  N7     . DG  A 1 8 ? 2.360   -0.315  -5.647  1.00 0.00 ? 8  DG  A N7     1 
ATOM   234 C  C5     . DG  A 1 8 ? 2.106   -0.271  -4.271  1.00 0.00 ? 8  DG  A C5     1 
ATOM   235 C  C6     . DG  A 1 8 ? 2.667   0.544   -3.228  1.00 0.00 ? 8  DG  A C6     1 
ATOM   236 O  O6     . DG  A 1 8 ? 3.530   1.415   -3.309  1.00 0.00 ? 8  DG  A O6     1 
ATOM   237 N  N1     . DG  A 1 8 ? 2.113   0.239   -1.984  1.00 0.00 ? 8  DG  A N1     1 
ATOM   238 C  C2     . DG  A 1 8 ? 1.165   -0.740  -1.774  1.00 0.00 ? 8  DG  A C2     1 
ATOM   239 N  N2     . DG  A 1 8 ? 0.786   -0.972  -0.525  1.00 0.00 ? 8  DG  A N2     1 
ATOM   240 N  N3     . DG  A 1 8 ? 0.636   -1.478  -2.740  1.00 0.00 ? 8  DG  A N3     1 
ATOM   241 C  C4     . DG  A 1 8 ? 1.151   -1.198  -3.953  1.00 0.00 ? 8  DG  A C4     1 
ATOM   242 H  "H5'"  . DG  A 1 8 ? -1.560  -6.297  -7.464  1.00 0.00 ? 8  DG  A "H5'"  1 
ATOM   243 H  "H5''" . DG  A 1 8 ? -0.391  -5.107  -8.172  1.00 0.00 ? 8  DG  A "H5''" 1 
ATOM   244 H  "H4'"  . DG  A 1 8 ? -1.081  -5.715  -5.347  1.00 0.00 ? 8  DG  A "H4'"  1 
ATOM   245 H  "H3'"  . DG  A 1 8 ? -2.514  -4.062  -7.162  1.00 0.00 ? 8  DG  A "H3'"  1 
ATOM   246 H  "HO3'" . DG  A 1 8 ? -2.431  -3.816  -4.327  1.00 0.00 ? 8  DG  A "HO3'" 1 
ATOM   247 H  "H2'"  . DG  A 1 8 ? -0.599  -2.678  -7.384  1.00 0.00 ? 8  DG  A "H2'"  1 
ATOM   248 H  "H2''" . DG  A 1 8 ? -1.644  -1.827  -6.252  1.00 0.00 ? 8  DG  A "H2''" 1 
ATOM   249 H  "H1'"  . DG  A 1 8 ? -0.750  -3.150  -4.397  1.00 0.00 ? 8  DG  A "H1'"  1 
ATOM   250 H  H8     . DG  A 1 8 ? 1.382   -1.685  -7.059  1.00 0.00 ? 8  DG  A H8     1 
ATOM   251 H  H1     . DG  A 1 8 ? 2.440   0.766   -1.182  1.00 0.00 ? 8  DG  A H1     1 
ATOM   252 H  H21    . DG  A 1 8 ? 1.151   -0.410  0.231   1.00 0.00 ? 8  DG  A H21    1 
ATOM   253 H  H22    . DG  A 1 8 ? 0.143   -1.715  -0.306  1.00 0.00 ? 8  DG  A H22    1 
ATOM   254 O  "O5'"  . DC  B 1 1 ? -2.700  -6.391  -4.257  1.00 0.00 ? 9  DC  B "O5'"  1 
ATOM   255 C  "C5'"  . DC  B 1 1 ? -2.182  -6.300  -2.926  1.00 0.00 ? 9  DC  B "C5'"  1 
ATOM   256 C  "C4'"  . DC  B 1 1 ? -2.651  -5.046  -2.212  1.00 0.00 ? 9  DC  B "C4'"  1 
ATOM   257 O  "O4'"  . DC  B 1 1 ? -2.121  -3.791  -2.665  1.00 0.00 ? 9  DC  B "O4'"  1 
ATOM   258 C  "C3'"  . DC  B 1 1 ? -4.137  -4.966  -2.315  1.00 0.00 ? 9  DC  B "C3'"  1 
ATOM   259 O  "O3'"  . DC  B 1 1 ? -4.845  -5.786  -1.390  1.00 0.00 ? 9  DC  B "O3'"  1 
ATOM   260 C  "C2'"  . DC  B 1 1 ? -4.386  -3.461  -2.345  1.00 0.00 ? 9  DC  B "C2'"  1 
ATOM   261 C  "C1'"  . DC  B 1 1 ? -3.007  -2.786  -2.123  1.00 0.00 ? 9  DC  B "C1'"  1 
ATOM   262 N  N1     . DC  B 1 1 ? -2.738  -1.529  -2.874  1.00 0.00 ? 9  DC  B N1     1 
ATOM   263 C  C2     . DC  B 1 1 ? -2.022  -0.554  -2.220  1.00 0.00 ? 9  DC  B C2     1 
ATOM   264 O  O2     . DC  B 1 1 ? -1.730  -0.715  -1.045  1.00 0.00 ? 9  DC  B O2     1 
ATOM   265 N  N3     . DC  B 1 1 ? -1.677  0.584   -2.876  1.00 0.00 ? 9  DC  B N3     1 
ATOM   266 C  C4     . DC  B 1 1 ? -2.065  0.796   -4.139  1.00 0.00 ? 9  DC  B C4     1 
ATOM   267 N  N4     . DC  B 1 1 ? -1.671  1.907   -4.761  1.00 0.00 ? 9  DC  B N4     1 
ATOM   268 C  C5     . DC  B 1 1 ? -2.872  -0.168  -4.828  1.00 0.00 ? 9  DC  B C5     1 
ATOM   269 C  C6     . DC  B 1 1 ? -3.147  -1.340  -4.150  1.00 0.00 ? 9  DC  B C6     1 
ATOM   270 H  "H5'"  . DC  B 1 1 ? -1.098  -6.305  -2.925  1.00 0.00 ? 9  DC  B "H5'"  1 
ATOM   271 H  "H5''" . DC  B 1 1 ? -2.588  -7.141  -2.363  1.00 0.00 ? 9  DC  B "H5''" 1 
ATOM   272 H  "H4'"  . DC  B 1 1 ? -2.432  -5.148  -1.178  1.00 0.00 ? 9  DC  B "H4'"  1 
ATOM   273 H  "H3'"  . DC  B 1 1 ? -4.304  -5.418  -3.271  1.00 0.00 ? 9  DC  B "H3'"  1 
ATOM   274 H  "H2'"  . DC  B 1 1 ? -4.738  -3.325  -3.353  1.00 0.00 ? 9  DC  B "H2'"  1 
ATOM   275 H  "H2''" . DC  B 1 1 ? -5.200  -3.109  -1.722  1.00 0.00 ? 9  DC  B "H2''" 1 
ATOM   276 H  "H1'"  . DC  B 1 1 ? -2.811  -2.530  -1.059  1.00 0.00 ? 9  DC  B "H1'"  1 
ATOM   277 H  H41    . DC  B 1 1 ? -1.065  2.567   -4.291  1.00 0.00 ? 9  DC  B H41    1 
ATOM   278 H  H42    . DC  B 1 1 ? -1.968  2.085   -5.710  1.00 0.00 ? 9  DC  B H42    1 
ATOM   279 H  H5     . DC  B 1 1 ? -3.289  -0.002  -5.805  1.00 0.00 ? 9  DC  B H5     1 
ATOM   280 H  H6     . DC  B 1 1 ? -3.654  -2.141  -4.621  1.00 0.00 ? 9  DC  B H6     1 
ATOM   281 H  "HO5'" . DC  B 1 1 ? -2.756  -5.494  -4.602  1.00 0.00 ? 9  DC  B "HO5'" 1 
ATOM   282 P  P      . DA  B 1 2 ? -6.433  -5.662  -1.153  1.00 0.00 ? 10 DA  B P      1 
ATOM   283 O  OP1    . DA  B 1 2 ? -6.824  -6.731  -0.207  1.00 0.00 ? 10 DA  B OP1    1 
ATOM   284 O  OP2    . DA  B 1 2 ? -7.124  -5.487  -2.446  1.00 0.00 ? 10 DA  B OP2    1 
ATOM   285 O  "O5'"  . DA  B 1 2 ? -6.455  -4.272  -0.333  1.00 0.00 ? 10 DA  B "O5'"  1 
ATOM   286 C  "C5'"  . DA  B 1 2 ? -5.644  -4.208  0.853   1.00 0.00 ? 10 DA  B "C5'"  1 
ATOM   287 C  "C4'"  . DA  B 1 2 ? -5.236  -2.796  1.247   1.00 0.00 ? 10 DA  B "C4'"  1 
ATOM   288 O  "O4'"  . DA  B 1 2 ? -4.492  -1.932  0.377   1.00 0.00 ? 10 DA  B "O4'"  1 
ATOM   289 C  "C3'"  . DA  B 1 2 ? -6.276  -2.009  1.906   1.00 0.00 ? 10 DA  B "C3'"  1 
ATOM   290 O  "O3'"  . DA  B 1 2 ? -6.042  -1.996  3.327   1.00 0.00 ? 10 DA  B "O3'"  1 
ATOM   291 C  "C2'"  . DA  B 1 2 ? -6.286  -0.727  1.173   1.00 0.00 ? 10 DA  B "C2'"  1 
ATOM   292 C  "C1'"  . DA  B 1 2 ? -4.868  -0.598  0.767   1.00 0.00 ? 10 DA  B "C1'"  1 
ATOM   293 N  N9     . DA  B 1 2 ? -4.707  0.313   -0.328  1.00 0.00 ? 10 DA  B N9     1 
ATOM   294 C  C8     . DA  B 1 2 ? -5.207  0.192   -1.549  1.00 0.00 ? 10 DA  B C8     1 
ATOM   295 N  N7     . DA  B 1 2 ? -4.840  1.117   -2.396  1.00 0.00 ? 10 DA  B N7     1 
ATOM   296 C  C5     . DA  B 1 2 ? -4.046  1.940   -1.596  1.00 0.00 ? 10 DA  B C5     1 
ATOM   297 C  C6     . DA  B 1 2 ? -3.337  3.124   -1.831  1.00 0.00 ? 10 DA  B C6     1 
ATOM   298 N  N6     . DA  B 1 2 ? -3.253  3.729   -3.011  1.00 0.00 ? 10 DA  B N6     1 
ATOM   299 N  N1     . DA  B 1 2 ? -2.707  3.669   -0.782  1.00 0.00 ? 10 DA  B N1     1 
ATOM   300 C  C2     . DA  B 1 2 ? -2.776  3.082   0.402   1.00 0.00 ? 10 DA  B C2     1 
ATOM   301 N  N3     . DA  B 1 2 ? -3.358  1.960   0.741   1.00 0.00 ? 10 DA  B N3     1 
ATOM   302 C  C4     . DA  B 1 2 ? -3.990  1.447   -0.324  1.00 0.00 ? 10 DA  B C4     1 
ATOM   303 H  "H5'"  . DA  B 1 2 ? -4.730  -4.760  0.690   1.00 0.00 ? 10 DA  B "H5'"  1 
ATOM   304 H  "H5''" . DA  B 1 2 ? -6.121  -4.704  1.709   1.00 0.00 ? 10 DA  B "H5''" 1 
ATOM   305 H  "H4'"  . DA  B 1 2 ? -4.671  -2.880  2.114   1.00 0.00 ? 10 DA  B "H4'"  1 
ATOM   306 H  "H3'"  . DA  B 1 2 ? -7.203  -2.465  1.708   1.00 0.00 ? 10 DA  B "H3'"  1 
ATOM   307 H  "H2'"  . DA  B 1 2 ? -6.945  -0.859  0.325   1.00 0.00 ? 10 DA  B "H2'"  1 
ATOM   308 H  "H2''" . DA  B 1 2 ? -6.603  0.136   1.758   1.00 0.00 ? 10 DA  B "H2''" 1 
ATOM   309 H  "H1'"  . DA  B 1 2 ? -4.347  -0.141  1.586   1.00 0.00 ? 10 DA  B "H1'"  1 
ATOM   310 H  H8     . DA  B 1 2 ? -5.862  -0.665  -1.596  1.00 0.00 ? 10 DA  B H8     1 
ATOM   311 H  H61    . DA  B 1 2 ? -2.740  4.600   -3.048  1.00 0.00 ? 10 DA  B H61    1 
ATOM   312 H  H62    . DA  B 1 2 ? -3.692  3.344   -3.836  1.00 0.00 ? 10 DA  B H62    1 
ATOM   313 H  H2     . DA  B 1 2 ? -2.318  3.575   1.242   1.00 0.00 ? 10 DA  B H2     1 
ATOM   314 P  P      . DT  B 1 3 ? -7.297  -2.403  4.227   1.00 0.00 ? 11 DT  B P      1 
ATOM   315 O  OP1    . DT  B 1 3 ? -7.074  -2.010  5.634   1.00 0.00 ? 11 DT  B OP1    1 
ATOM   316 O  OP2    . DT  B 1 3 ? -7.734  -3.773  3.882   1.00 0.00 ? 11 DT  B OP2    1 
ATOM   317 O  "O5'"  . DT  B 1 3 ? -8.223  -1.339  3.495   1.00 0.00 ? 11 DT  B "O5'"  1 
ATOM   318 C  "C5'"  . DT  B 1 3 ? -8.438  -0.051  4.003   1.00 0.00 ? 11 DT  B "C5'"  1 
ATOM   319 C  "C4'"  . DT  B 1 3 ? -7.350  1.024   4.042   1.00 0.00 ? 11 DT  B "C4'"  1 
ATOM   320 O  "O4'"  . DT  B 1 3 ? -6.607  1.261   2.840   1.00 0.00 ? 11 DT  B "O4'"  1 
ATOM   321 C  "C3'"  . DT  B 1 3 ? -7.844  2.383   4.499   1.00 0.00 ? 11 DT  B "C3'"  1 
ATOM   322 O  "O3'"  . DT  B 1 3 ? -7.128  2.758   5.674   1.00 0.00 ? 11 DT  B "O3'"  1 
ATOM   323 C  "C2'"  . DT  B 1 3 ? -7.658  3.244   3.274   1.00 0.00 ? 11 DT  B "C2'"  1 
ATOM   324 C  "C1'"  . DT  B 1 3 ? -6.437  2.671   2.656   1.00 0.00 ? 11 DT  B "C1'"  1 
ATOM   325 N  N1     . DT  B 1 3 ? -6.434  3.070   1.227   1.00 0.00 ? 11 DT  B N1     1 
ATOM   326 C  C2     . DT  B 1 3 ? -5.589  4.022   0.710   1.00 0.00 ? 11 DT  B C2     1 
ATOM   327 O  O2     . DT  B 1 3 ? -4.765  4.629   1.390   1.00 0.00 ? 11 DT  B O2     1 
ATOM   328 N  N3     . DT  B 1 3 ? -5.743  4.249   -0.647  1.00 0.00 ? 11 DT  B N3     1 
ATOM   329 C  C4     . DT  B 1 3 ? -6.626  3.610   -1.516  1.00 0.00 ? 11 DT  B C4     1 
ATOM   330 O  O4     . DT  B 1 3 ? -6.655  3.896   -2.711  1.00 0.00 ? 11 DT  B O4     1 
ATOM   331 C  C5     . DT  B 1 3 ? -7.446  2.623   -0.858  1.00 0.00 ? 11 DT  B C5     1 
ATOM   332 C  C7     . DT  B 1 3 ? -8.457  1.721   -1.586  1.00 0.00 ? 11 DT  B C7     1 
ATOM   333 C  C6     . DT  B 1 3 ? -7.319  2.444   0.446   1.00 0.00 ? 11 DT  B C6     1 
ATOM   334 H  "H5'"  . DT  B 1 3 ? -8.653  -0.385  4.988   1.00 0.00 ? 11 DT  B "H5'"  1 
ATOM   335 H  "H5''" . DT  B 1 3 ? -9.266  0.300   3.455   1.00 0.00 ? 11 DT  B "H5''" 1 
ATOM   336 H  "H4'"  . DT  B 1 3 ? -6.693  0.808   4.864   1.00 0.00 ? 11 DT  B "H4'"  1 
ATOM   337 H  "H3'"  . DT  B 1 3 ? -8.885  2.402   4.729   1.00 0.00 ? 11 DT  B "H3'"  1 
ATOM   338 H  "H2'"  . DT  B 1 3 ? -8.518  3.158   2.594   1.00 0.00 ? 11 DT  B "H2'"  1 
ATOM   339 H  "H2''" . DT  B 1 3 ? -7.453  4.290   3.436   1.00 0.00 ? 11 DT  B "H2''" 1 
ATOM   340 H  "H1'"  . DT  B 1 3 ? -5.620  2.941   3.279   1.00 0.00 ? 11 DT  B "H1'"  1 
ATOM   341 H  H3     . DT  B 1 3 ? -5.151  4.971   -1.030  1.00 0.00 ? 11 DT  B H3     1 
ATOM   342 H  H71    . DT  B 1 3 ? -8.179  0.676   -1.413  1.00 0.00 ? 11 DT  B H71    1 
ATOM   343 H  H72    . DT  B 1 3 ? -8.472  1.903   -2.657  1.00 0.00 ? 11 DT  B H72    1 
ATOM   344 H  H73    . DT  B 1 3 ? -9.452  1.857   -1.161  1.00 0.00 ? 11 DT  B H73    1 
ATOM   345 H  H6     . DT  B 1 3 ? -7.922  1.814   1.010   1.00 0.00 ? 11 DT  B H6     1 
ATOM   346 P  P      . DG  B 1 4 ? -7.706  3.922   6.615   1.00 0.00 ? 12 DG  B P      1 
ATOM   347 O  OP1    . DG  B 1 4 ? -6.944  3.936   7.886   1.00 0.00 ? 12 DG  B OP1    1 
ATOM   348 O  OP2    . DG  B 1 4 ? -9.179  3.816   6.647   1.00 0.00 ? 12 DG  B OP2    1 
ATOM   349 O  "O5'"  . DG  B 1 4 ? -7.294  5.193   5.713   1.00 0.00 ? 12 DG  B "O5'"  1 
ATOM   350 C  "C5'"  . DG  B 1 4 ? -7.219  6.472   6.327   1.00 0.00 ? 12 DG  B "C5'"  1 
ATOM   351 C  "C4'"  . DG  B 1 4 ? -5.772  6.916   6.639   1.00 0.00 ? 12 DG  B "C4'"  1 
ATOM   352 O  "O4'"  . DG  B 1 4 ? -5.095  5.759   7.142   1.00 0.00 ? 12 DG  B "O4'"  1 
ATOM   353 C  "C3'"  . DG  B 1 4 ? -4.998  7.302   5.380   1.00 0.00 ? 12 DG  B "C3'"  1 
ATOM   354 O  "O3'"  . DG  B 1 4 ? -4.975  8.753   5.278   1.00 0.00 ? 12 DG  B "O3'"  1 
ATOM   355 C  "C2'"  . DG  B 1 4 ? -3.615  6.696   5.650   1.00 0.00 ? 12 DG  B "C2'"  1 
ATOM   356 C  "C1'"  . DG  B 1 4 ? -3.824  5.519   6.502   1.00 0.00 ? 12 DG  B "C1'"  1 
ATOM   357 N  N9     . DG  B 1 4 ? -3.792  4.221   5.863   1.00 0.00 ? 12 DG  B N9     1 
ATOM   358 C  C8     . DG  B 1 4 ? -4.274  3.077   6.312   1.00 0.00 ? 12 DG  B C8     1 
ATOM   359 N  N7     . DG  B 1 4 ? -3.812  1.990   5.773   1.00 0.00 ? 12 DG  B N7     1 
ATOM   360 C  C5     . DG  B 1 4 ? -2.957  2.490   4.796   1.00 0.00 ? 12 DG  B C5     1 
ATOM   361 C  C6     . DG  B 1 4 ? -2.107  1.831   3.849   1.00 0.00 ? 12 DG  B C6     1 
ATOM   362 O  O6     . DG  B 1 4 ? -1.951  0.630   3.619   1.00 0.00 ? 12 DG  B O6     1 
ATOM   363 N  N1     . DG  B 1 4 ? -1.391  2.760   3.135   1.00 0.00 ? 12 DG  B N1     1 
ATOM   364 C  C2     . DG  B 1 4 ? -1.525  4.119   3.266   1.00 0.00 ? 12 DG  B C2     1 
ATOM   365 N  N2     . DG  B 1 4 ? -0.782  4.826   2.477   1.00 0.00 ? 12 DG  B N2     1 
ATOM   366 N  N3     . DG  B 1 4 ? -2.323  4.742   4.089   1.00 0.00 ? 12 DG  B N3     1 
ATOM   367 C  C4     . DG  B 1 4 ? -2.997  3.860   4.830   1.00 0.00 ? 12 DG  B C4     1 
ATOM   368 H  "H5'"  . DG  B 1 4 ? -7.864  6.411   7.203   1.00 0.00 ? 12 DG  B "H5'"  1 
ATOM   369 H  "H5''" . DG  B 1 4 ? -7.641  7.151   5.606   1.00 0.00 ? 12 DG  B "H5''" 1 
ATOM   370 H  "H4'"  . DG  B 1 4 ? -5.749  7.721   7.382   1.00 0.00 ? 12 DG  B "H4'"  1 
ATOM   371 H  "H3'"  . DG  B 1 4 ? -5.469  6.750   4.573   1.00 0.00 ? 12 DG  B "H3'"  1 
ATOM   372 H  "H2'"  . DG  B 1 4 ? -3.080  6.277   4.807   1.00 0.00 ? 12 DG  B "H2'"  1 
ATOM   373 H  "H2''" . DG  B 1 4 ? -2.992  7.313   6.251   1.00 0.00 ? 12 DG  B "H2''" 1 
ATOM   374 H  "H1'"  . DG  B 1 4 ? -3.442  5.388   7.499   1.00 0.00 ? 12 DG  B "H1'"  1 
ATOM   375 H  H8     . DG  B 1 4 ? -5.017  3.292   7.051   1.00 0.00 ? 12 DG  B H8     1 
ATOM   376 H  H1     . DG  B 1 4 ? -0.710  2.424   2.470   1.00 0.00 ? 12 DG  B H1     1 
ATOM   377 H  H21    . DG  B 1 4 ? -0.210  4.328   1.822   1.00 0.00 ? 12 DG  B H21    1 
ATOM   378 H  H22    . DG  B 1 4 ? -0.805  5.836   2.515   1.00 0.00 ? 12 DG  B H22    1 
ATOM   379 P  P      . DC  B 1 5 ? -4.772  9.669   3.938   1.00 0.00 ? 13 DC  B P      1 
ATOM   380 O  OP1    . DC  B 1 5 ? -4.405  8.757   2.833   1.00 0.00 ? 13 DC  B OP1    1 
ATOM   381 O  OP2    . DC  B 1 5 ? -3.889  10.806  4.279   1.00 0.00 ? 13 DC  B OP2    1 
ATOM   382 O  "O5'"  . DC  B 1 5 ? -6.257  10.280  3.643   1.00 0.00 ? 13 DC  B "O5'"  1 
ATOM   383 C  "C5'"  . DC  B 1 5 ? -6.613  11.330  2.705   1.00 0.00 ? 13 DC  B "C5'"  1 
ATOM   384 C  "C4'"  . DC  B 1 5 ? -6.390  10.780  1.206   1.00 0.00 ? 13 DC  B "C4'"  1 
ATOM   385 O  "O4'"  . DC  B 1 5 ? -6.853  9.423   1.022   1.00 0.00 ? 13 DC  B "O4'"  1 
ATOM   386 C  "C3'"  . DC  B 1 5 ? -6.913  11.537  -0.077  1.00 0.00 ? 13 DC  B "C3'"  1 
ATOM   387 O  "O3'"  . DC  B 1 5 ? -5.945  11.784  -1.083  1.00 0.00 ? 13 DC  B "O3'"  1 
ATOM   388 C  "C2'"  . DC  B 1 5 ? -7.943  10.562  -0.693  1.00 0.00 ? 13 DC  B "C2'"  1 
ATOM   389 C  "C1'"  . DC  B 1 5 ? -7.383  9.154   -0.304  1.00 0.00 ? 13 DC  B "C1'"  1 
ATOM   390 N  N1     . DC  B 1 5 ? -8.395  8.020   -0.126  1.00 0.00 ? 13 DC  B N1     1 
ATOM   391 C  C2     . DC  B 1 5 ? -8.582  7.073   -1.128  1.00 0.00 ? 13 DC  B C2     1 
ATOM   392 O  O2     . DC  B 1 5 ? -7.998  7.167   -2.204  1.00 0.00 ? 13 DC  B O2     1 
ATOM   393 N  N3     . DC  B 1 5 ? -9.447  6.041   -0.887  1.00 0.00 ? 13 DC  B N3     1 
ATOM   394 C  C4     . DC  B 1 5 ? -10.128 5.901   0.267   1.00 0.00 ? 13 DC  B C4     1 
ATOM   395 N  N4     . DC  B 1 5 ? -10.935 4.846   0.414   1.00 0.00 ? 13 DC  B N4     1 
ATOM   396 C  C5     . DC  B 1 5 ? -9.987  6.861   1.323   1.00 0.00 ? 13 DC  B C5     1 
ATOM   397 C  C6     . DC  B 1 5 ? -9.103  7.901   1.049   1.00 0.00 ? 13 DC  B C6     1 
ATOM   398 H  "H5'"  . DC  B 1 5 ? -5.962  12.205  2.969   1.00 0.00 ? 13 DC  B "H5'"  1 
ATOM   399 H  "H5''" . DC  B 1 5 ? -7.661  11.597  3.004   1.00 0.00 ? 13 DC  B "H5''" 1 
ATOM   400 H  "H4'"  . DC  B 1 5 ? -5.302  10.691  1.118   1.00 0.00 ? 13 DC  B "H4'"  1 
ATOM   401 H  "H3'"  . DC  B 1 5 ? -7.215  12.560  0.114   1.00 0.00 ? 13 DC  B "H3'"  1 
ATOM   402 H  "H2'"  . DC  B 1 5 ? -8.884  10.857  -0.198  1.00 0.00 ? 13 DC  B "H2'"  1 
ATOM   403 H  "H2''" . DC  B 1 5 ? -8.034  10.640  -1.806  1.00 0.00 ? 13 DC  B "H2''" 1 
ATOM   404 H  "H1'"  . DC  B 1 5 ? -6.534  8.882   -0.988  1.00 0.00 ? 13 DC  B "H1'"  1 
ATOM   405 H  H41    . DC  B 1 5 ? -11.048 4.190   -0.345  1.00 0.00 ? 13 DC  B H41    1 
ATOM   406 H  H42    . DC  B 1 5 ? -11.424 4.698   1.285   1.00 0.00 ? 13 DC  B H42    1 
ATOM   407 H  H5     . DC  B 1 5 ? -10.532 6.783   2.284   1.00 0.00 ? 13 DC  B H5     1 
ATOM   408 H  H6     . DC  B 1 5 ? -8.946  8.662   1.744   1.00 0.00 ? 13 DC  B H6     1 
ATOM   409 P  P      . DA  B 1 6 ? -6.137  12.900  -2.243  1.00 0.00 ? 14 DA  B P      1 
ATOM   410 O  OP1    . DA  B 1 6 ? -6.974  14.012  -1.729  1.00 0.00 ? 14 DA  B OP1    1 
ATOM   411 O  OP2    . DA  B 1 6 ? -6.516  12.213  -3.497  1.00 0.00 ? 14 DA  B OP2    1 
ATOM   412 O  "O5'"  . DA  B 1 6 ? -4.608  13.391  -2.373  1.00 0.00 ? 14 DA  B "O5'"  1 
ATOM   413 C  "C5'"  . DA  B 1 6 ? -4.103  14.193  -1.308  1.00 0.00 ? 14 DA  B "C5'"  1 
ATOM   414 C  "C4'"  . DA  B 1 6 ? -3.130  13.533  -0.347  1.00 0.00 ? 14 DA  B "C4'"  1 
ATOM   415 O  "O4'"  . DA  B 1 6 ? -3.675  12.278  0.052   1.00 0.00 ? 14 DA  B "O4'"  1 
ATOM   416 C  "C3'"  . DA  B 1 6 ? -1.704  13.368  -0.808  1.00 0.00 ? 14 DA  B "C3'"  1 
ATOM   417 O  "O3'"  . DA  B 1 6 ? -0.708  13.293  0.226   1.00 0.00 ? 14 DA  B "O3'"  1 
ATOM   418 C  "C2'"  . DA  B 1 6 ? -1.918  12.085  -1.480  1.00 0.00 ? 14 DA  B "C2'"  1 
ATOM   419 C  "C1'"  . DA  B 1 6 ? -2.959  11.314  -0.706  1.00 0.00 ? 14 DA  B "C1'"  1 
ATOM   420 N  N9     . DA  B 1 6 ? -3.722  10.382  -1.543  1.00 0.00 ? 14 DA  B N9     1 
ATOM   421 C  C8     . DA  B 1 6 ? -4.140  10.501  -2.803  1.00 0.00 ? 14 DA  B C8     1 
ATOM   422 N  N7     . DA  B 1 6 ? -4.613  9.433   -3.375  1.00 0.00 ? 14 DA  B N7     1 
ATOM   423 C  C5     . DA  B 1 6 ? -4.601  8.544   -2.311  1.00 0.00 ? 14 DA  B C5     1 
ATOM   424 C  C6     . DA  B 1 6 ? -5.013  7.222   -2.171  1.00 0.00 ? 14 DA  B C6     1 
ATOM   425 N  N6     . DA  B 1 6 ? -5.506  6.489   -3.173  1.00 0.00 ? 14 DA  B N6     1 
ATOM   426 N  N1     . DA  B 1 6 ? -4.879  6.695   -0.944  1.00 0.00 ? 14 DA  B N1     1 
ATOM   427 C  C2     . DA  B 1 6 ? -4.383  7.427   0.049   1.00 0.00 ? 14 DA  B C2     1 
ATOM   428 N  N3     . DA  B 1 6 ? -3.953  8.655   0.030   1.00 0.00 ? 14 DA  B N3     1 
ATOM   429 C  C4     . DA  B 1 6 ? -4.095  9.150   -1.194  1.00 0.00 ? 14 DA  B C4     1 
ATOM   430 H  "H5'"  . DA  B 1 6 ? -4.930  14.483  -0.704  1.00 0.00 ? 14 DA  B "H5'"  1 
ATOM   431 H  "H5''" . DA  B 1 6 ? -3.716  15.080  -1.734  1.00 0.00 ? 14 DA  B "H5''" 1 
ATOM   432 H  "H4'"  . DA  B 1 6 ? -2.968  14.077  0.547   1.00 0.00 ? 14 DA  B "H4'"  1 
ATOM   433 H  "H3'"  . DA  B 1 6 ? -1.390  14.186  -1.452  1.00 0.00 ? 14 DA  B "H3'"  1 
ATOM   434 H  "H2'"  . DA  B 1 6 ? -2.327  12.368  -2.422  1.00 0.00 ? 14 DA  B "H2'"  1 
ATOM   435 H  "H2''" . DA  B 1 6 ? -1.001  11.561  -1.532  1.00 0.00 ? 14 DA  B "H2''" 1 
ATOM   436 H  "H1'"  . DA  B 1 6 ? -2.484  10.635  -0.053  1.00 0.00 ? 14 DA  B "H1'"  1 
ATOM   437 H  H8     . DA  B 1 6 ? -4.081  11.497  -3.151  1.00 0.00 ? 14 DA  B H8     1 
ATOM   438 H  H61    . DA  B 1 6 ? -5.903  5.578   -2.986  1.00 0.00 ? 14 DA  B H61    1 
ATOM   439 H  H62    . DA  B 1 6 ? -5.519  6.843   -4.120  1.00 0.00 ? 14 DA  B H62    1 
ATOM   440 H  H2     . DA  B 1 6 ? -4.263  7.070   1.059   1.00 0.00 ? 14 DA  B H2     1 
ATOM   441 P  P      . DT  B 1 7 ? -0.583  14.334  1.474   1.00 0.00 ? 15 DT  B P      1 
ATOM   442 O  OP1    . DT  B 1 7 ? -1.829  15.133  1.559   1.00 0.00 ? 15 DT  B OP1    1 
ATOM   443 O  OP2    . DT  B 1 7 ? 0.729   15.010  1.379   1.00 0.00 ? 15 DT  B OP2    1 
ATOM   444 O  "O5'"  . DT  B 1 7 ? -0.534  13.308  2.734   1.00 0.00 ? 15 DT  B "O5'"  1 
ATOM   445 C  "C5'"  . DT  B 1 7 ? -1.278  12.097  2.563   1.00 0.00 ? 15 DT  B "C5'"  1 
ATOM   446 C  "C4'"  . DT  B 1 7 ? -0.813  10.860  3.271   1.00 0.00 ? 15 DT  B "C4'"  1 
ATOM   447 O  "O4'"  . DT  B 1 7 ? -1.462  9.890   2.435   1.00 0.00 ? 15 DT  B "O4'"  1 
ATOM   448 C  "C3'"  . DT  B 1 7 ? 0.687   10.649  3.164   1.00 0.00 ? 15 DT  B "C3'"  1 
ATOM   449 O  "O3'"  . DT  B 1 7 ? 1.372   10.404  4.416   1.00 0.00 ? 15 DT  B "O3'"  1 
ATOM   450 C  "C2'"  . DT  B 1 7 ? 0.830   9.629   2.060   1.00 0.00 ? 15 DT  B "C2'"  1 
ATOM   451 C  "C1'"  . DT  B 1 7 ? -0.497  8.934   2.007   1.00 0.00 ? 15 DT  B "C1'"  1 
ATOM   452 N  N1     . DT  B 1 7 ? -0.853  8.257   0.728   1.00 0.00 ? 15 DT  B N1     1 
ATOM   453 C  C2     . DT  B 1 7 ? -1.609  7.122   0.862   1.00 0.00 ? 15 DT  B C2     1 
ATOM   454 O  O2     . DT  B 1 7 ? -2.081  6.781   1.941   1.00 0.00 ? 15 DT  B O2     1 
ATOM   455 N  N3     . DT  B 1 7 ? -1.880  6.420   -0.296  1.00 0.00 ? 15 DT  B N3     1 
ATOM   456 C  C4     . DT  B 1 7 ? -1.543  6.798   -1.576  1.00 0.00 ? 15 DT  B C4     1 
ATOM   457 O  O4     . DT  B 1 7 ? -1.839  6.088   -2.535  1.00 0.00 ? 15 DT  B O4     1 
ATOM   458 C  C5     . DT  B 1 7 ? -0.833  8.047   -1.647  1.00 0.00 ? 15 DT  B C5     1 
ATOM   459 C  C7     . DT  B 1 7 ? -0.563  8.679   -3.023  1.00 0.00 ? 15 DT  B C7     1 
ATOM   460 C  C6     . DT  B 1 7 ? -0.473  8.694   -0.518  1.00 0.00 ? 15 DT  B C6     1 
ATOM   461 H  "H5'"  . DT  B 1 7 ? -1.172  11.820  1.517   1.00 0.00 ? 15 DT  B "H5'"  1 
ATOM   462 H  "H5''" . DT  B 1 7 ? -2.313  12.217  2.827   1.00 0.00 ? 15 DT  B "H5''" 1 
ATOM   463 H  "H4'"  . DT  B 1 7 ? -1.117  10.725  4.311   1.00 0.00 ? 15 DT  B "H4'"  1 
ATOM   464 H  "H3'"  . DT  B 1 7 ? 1.066   11.580  2.780   1.00 0.00 ? 15 DT  B "H3'"  1 
ATOM   465 H  "H2'"  . DT  B 1 7 ? 1.001   10.102  1.108   1.00 0.00 ? 15 DT  B "H2'"  1 
ATOM   466 H  "H2''" . DT  B 1 7 ? 1.652   8.955   2.210   1.00 0.00 ? 15 DT  B "H2''" 1 
ATOM   467 H  "H1'"  . DT  B 1 7 ? -0.490  8.202   2.783   1.00 0.00 ? 15 DT  B "H1'"  1 
ATOM   468 H  H3     . DT  B 1 7 ? -2.364  5.539   -0.219  1.00 0.00 ? 15 DT  B H3     1 
ATOM   469 H  H71    . DT  B 1 7 ? -1.129  9.614   -3.091  1.00 0.00 ? 15 DT  B H71    1 
ATOM   470 H  H72    . DT  B 1 7 ? -0.936  8.035   -3.821  1.00 0.00 ? 15 DT  B H72    1 
ATOM   471 H  H73    . DT  B 1 7 ? 0.491   8.897   -3.176  1.00 0.00 ? 15 DT  B H73    1 
ATOM   472 H  H6     . DT  B 1 7 ? 0.149   9.547   -0.610  1.00 0.00 ? 15 DT  B H6     1 
ATOM   473 P  P      . DG  B 1 8 ? 0.769   9.762   5.783   1.00 0.00 ? 16 DG  B P      1 
ATOM   474 O  OP1    . DG  B 1 8 ? -0.596  10.293  5.986   1.00 0.00 ? 16 DG  B OP1    1 
ATOM   475 O  OP2    . DG  B 1 8 ? 1.785   9.923   6.852   1.00 0.00 ? 16 DG  B OP2    1 
ATOM   476 O  "O5'"  . DG  B 1 8 ? 0.681   8.232   5.377   1.00 0.00 ? 16 DG  B "O5'"  1 
ATOM   477 C  "C5'"  . DG  B 1 8 ? 1.916   7.549   5.252   1.00 0.00 ? 16 DG  B "C5'"  1 
ATOM   478 C  "C4'"  . DG  B 1 8 ? 1.699   6.190   4.708   1.00 0.00 ? 16 DG  B "C4'"  1 
ATOM   479 O  "O4'"  . DG  B 1 8 ? 1.142   6.221   3.379   1.00 0.00 ? 16 DG  B "O4'"  1 
ATOM   480 C  "C3'"  . DG  B 1 8 ? 3.016   5.425   4.589   1.00 0.00 ? 16 DG  B "C3'"  1 
ATOM   481 O  "O3'"  . DG  B 1 8 ? 2.936   4.086   5.082   1.00 0.00 ? 16 DG  B "O3'"  1 
ATOM   482 C  "C2'"  . DG  B 1 8 ? 3.204   5.524   3.120   1.00 0.00 ? 16 DG  B "C2'"  1 
ATOM   483 C  "C1'"  . DG  B 1 8 ? 1.839   5.186   2.668   1.00 0.00 ? 16 DG  B "C1'"  1 
ATOM   484 N  N9     . DG  B 1 8 ? 1.699   5.140   1.194   1.00 0.00 ? 16 DG  B N9     1 
ATOM   485 C  C8     . DG  B 1 8 ? 2.115   6.069   0.318   1.00 0.00 ? 16 DG  B C8     1 
ATOM   486 N  N7     . DG  B 1 8 ? 1.856   5.804   -0.943  1.00 0.00 ? 16 DG  B N7     1 
ATOM   487 C  C5     . DG  B 1 8 ? 1.201   4.568   -0.880  1.00 0.00 ? 16 DG  B C5     1 
ATOM   488 C  C6     . DG  B 1 8 ? 0.644   3.735   -1.910  1.00 0.00 ? 16 DG  B C6     1 
ATOM   489 O  O6     . DG  B 1 8 ? 0.610   3.929   -3.124  1.00 0.00 ? 16 DG  B O6     1 
ATOM   490 N  N1     . DG  B 1 8 ? 0.075   2.577   -1.382  1.00 0.00 ? 16 DG  B N1     1 
ATOM   491 C  C2     . DG  B 1 8 ? 0.027   2.276   -0.037  1.00 0.00 ? 16 DG  B C2     1 
ATOM   492 N  N2     . DG  B 1 8 ? -0.613  1.175   0.327   1.00 0.00 ? 16 DG  B N2     1 
ATOM   493 N  N3     . DG  B 1 8 ? 0.560   3.037   0.910   1.00 0.00 ? 16 DG  B N3     1 
ATOM   494 C  C4     . DG  B 1 8 ? 1.121   4.161   0.424   1.00 0.00 ? 16 DG  B C4     1 
ATOM   495 H  "H5'"  . DG  B 1 8 ? 2.298   7.374   6.254   1.00 0.00 ? 16 DG  B "H5'"  1 
ATOM   496 H  "H5''" . DG  B 1 8 ? 2.622   8.105   4.627   1.00 0.00 ? 16 DG  B "H5''" 1 
ATOM   497 H  "H4'"  . DG  B 1 8 ? 1.020   5.726   5.412   1.00 0.00 ? 16 DG  B "H4'"  1 
ATOM   498 H  "H3'"  . DG  B 1 8 ? 3.839   5.887   5.070   1.00 0.00 ? 16 DG  B "H3'"  1 
ATOM   499 H  "HO3'" . DG  B 1 8 ? 2.202   3.583   4.705   1.00 0.00 ? 16 DG  B "HO3'" 1 
ATOM   500 H  "H2'"  . DG  B 1 8 ? 3.518   6.522   2.807   1.00 0.00 ? 16 DG  B "H2'"  1 
ATOM   501 H  "H2''" . DG  B 1 8 ? 3.895   4.819   2.735   1.00 0.00 ? 16 DG  B "H2''" 1 
ATOM   502 H  "H1'"  . DG  B 1 8 ? 1.551   4.251   3.148   1.00 0.00 ? 16 DG  B "H1'"  1 
ATOM   503 H  H8     . DG  B 1 8 ? 2.609   6.916   0.796   1.00 0.00 ? 16 DG  B H8     1 
ATOM   504 H  H1     . DG  B 1 8 ? -0.341  1.919   -2.032  1.00 0.00 ? 16 DG  B H1     1 
ATOM   505 H  H21    . DG  B 1 8 ? -1.008  0.561   -0.372  1.00 0.00 ? 16 DG  B H21    1 
ATOM   506 H  H22    . DG  B 1 8 ? -0.734  0.940   1.299   1.00 0.00 ? 16 DG  B H22    1 
HETATM 507 PT PT1    . BPT C 2 . ? -1.156  -7.028  2.272   1.00 0.00 ? 17 BPT A PT1    1 
HETATM 508 N  N1     . BPT C 2 . ? -2.106  -6.859  4.020   1.00 0.00 ? 17 BPT A N1     1 
HETATM 509 C  C1     . BPT C 2 . ? -2.826  -5.595  4.091   1.00 0.00 ? 17 BPT A C1     1 
HETATM 510 C  C2     . BPT C 2 . ? -3.196  -5.394  5.615   1.00 0.00 ? 17 BPT A C2     1 
HETATM 511 C  C3     . BPT C 2 . ? -4.155  -4.157  6.002   1.00 0.00 ? 17 BPT A C3     1 
HETATM 512 C  C4     . BPT C 2 . ? -3.558  -2.691  5.995   1.00 0.00 ? 17 BPT A C4     1 
HETATM 513 N  N2     . BPT C 2 . ? -4.598  -1.838  6.550   1.00 0.00 ? 17 BPT A N2     1 
HETATM 514 PT PT2    . BPT C 2 . ? -4.206  0.085   6.173   1.00 0.00 ? 17 BPT A PT2    1 
HETATM 515 N  N3     . BPT C 2 . ? -0.011  -5.455  2.736   1.00 0.00 ? 17 BPT A N3     1 
HETATM 516 N  N4     . BPT C 2 . ? -2.314  -8.607  1.804   1.00 0.00 ? 17 BPT A N4     1 
HETATM 517 N  N5     . BPT C 2 . ? -4.387  -0.260  4.210   1.00 0.00 ? 17 BPT A N5     1 
HETATM 518 N  N6     . BPT C 2 . ? -4.023  0.428   8.147   1.00 0.00 ? 17 BPT A N6     1 
HETATM 519 H  HN11   . BPT C 2 . ? -1.388  -6.948  4.768   1.00 0.00 ? 17 BPT A HN11   1 
HETATM 520 H  HN12   . BPT C 2 . ? -2.787  -7.635  4.137   1.00 0.00 ? 17 BPT A HN12   1 
HETATM 521 H  HC11   . BPT C 2 . ? -3.695  -5.801  3.436   1.00 0.00 ? 17 BPT A HC11   1 
HETATM 522 H  HC12   . BPT C 2 . ? -2.245  -4.776  3.628   1.00 0.00 ? 17 BPT A HC12   1 
HETATM 523 H  HC21   . BPT C 2 . ? -3.721  -6.325  5.898   1.00 0.00 ? 17 BPT A HC21   1 
HETATM 524 H  HC22   . BPT C 2 . ? -2.231  -5.405  6.196   1.00 0.00 ? 17 BPT A HC22   1 
HETATM 525 H  HC31   . BPT C 2 . ? -4.478  -4.319  7.045   1.00 0.00 ? 17 BPT A HC31   1 
HETATM 526 H  HC32   . BPT C 2 . ? -5.105  -4.134  5.394   1.00 0.00 ? 17 BPT A HC32   1 
HETATM 527 H  HC41   . BPT C 2 . ? -2.737  -2.528  6.719   1.00 0.00 ? 17 BPT A HC41   1 
HETATM 528 H  HC42   . BPT C 2 . ? -3.214  -2.321  5.011   1.00 0.00 ? 17 BPT A HC42   1 
HETATM 529 H  HN21   . BPT C 2 . ? -5.537  -2.043  6.146   1.00 0.00 ? 17 BPT A HN21   1 
HETATM 530 H  HN22   . BPT C 2 . ? -4.651  -2.000  7.575   1.00 0.00 ? 17 BPT A HN22   1 
HETATM 531 H  HN31   . BPT C 2 . ? -0.298  -4.674  2.113   1.00 0.00 ? 17 BPT A HN31   1 
HETATM 532 H  HN32   . BPT C 2 . ? 0.995   -5.658  2.577   1.00 0.00 ? 17 BPT A HN32   1 
HETATM 533 H  HN33   . BPT C 2 . ? -0.094  -5.162  3.734   1.00 0.00 ? 17 BPT A HN33   1 
HETATM 534 H  HN41   . BPT C 2 . ? -3.206  -8.255  1.387   1.00 0.00 ? 17 BPT A HN41   1 
HETATM 535 H  HN42   . BPT C 2 . ? -2.498  -9.175  2.655   1.00 0.00 ? 17 BPT A HN42   1 
HETATM 536 H  HN43   . BPT C 2 . ? -1.826  -9.219  1.116   1.00 0.00 ? 17 BPT A HN43   1 
HETATM 537 H  HN51   . BPT C 2 . ? -3.437  -0.178  3.798   1.00 0.00 ? 17 BPT A HN51   1 
HETATM 538 H  HN52   . BPT C 2 . ? -5.011  0.437   3.757   1.00 0.00 ? 17 BPT A HN52   1 
HETATM 539 H  HN53   . BPT C 2 . ? -4.792  -1.196  3.988   1.00 0.00 ? 17 BPT A HN53   1 
HETATM 540 H  HN61   . BPT C 2 . ? -3.047  0.192   8.436   1.00 0.00 ? 17 BPT A HN61   1 
HETATM 541 H  HN62   . BPT C 2 . ? -4.716  -0.143  8.670   1.00 0.00 ? 17 BPT A HN62   1 
HETATM 542 H  HN63   . BPT C 2 . ? -4.218  1.429   8.357   1.00 0.00 ? 17 BPT A HN63   1 
# 
